data_3ZZH
#
_entry.id   3ZZH
#
_cell.length_a   69.489
_cell.length_b   99.596
_cell.length_c   189.238
_cell.angle_alpha   90.00
_cell.angle_beta   90.00
_cell.angle_gamma   90.00
#
_symmetry.space_group_name_H-M   'P 21 21 21'
#
loop_
_entity.id
_entity.type
_entity.pdbx_description
1 polymer 'ACETYLGLUTAMATE KINASE'
2 non-polymer 1,2-ETHANEDIOL
3 non-polymer 'CHLORIDE ION'
4 non-polymer 'MALONATE ION'
5 non-polymer N-ACETYL-L-GLUTAMATE
6 non-polymer ARGININE
7 non-polymer GLYCEROL
8 water water
#
_entity_poly.entity_id   1
_entity_poly.type   'polypeptide(L)'
_entity_poly.pdbx_seq_one_letter_code
;MGHHHHHHVSSTNGFSATRSTVIQLLNNISTKREVEQYLKYFTSVSQQQFAVIKVGGAIISDNLHELASCLAFLYHVGLY
PIVLHGTGPQVNGRLEAQGIEPDYIDGIRITDEHTMAVVRKCFLEQNLKLVTALEQLGVRARPITSGVFTADYLDKDKYK
LVGNIKSVTKEPIEASIKAGALPILTSLAETASGQMLNVNADVAAGELARVFEPLKIVYLNEKGGIINGSTGEKISMINL
DEEYDDLMKQSWVKYGTKLKIREIKELLDYLPRSSSVAIINVQDLQKELFTDSGAGTMIRRGYKLVK
;
_entity_poly.pdbx_strand_id   A,B,C,D
#
loop_
_chem_comp.id
_chem_comp.type
_chem_comp.name
_chem_comp.formula
CL non-polymer 'CHLORIDE ION' 'Cl -1'
EDO non-polymer 1,2-ETHANEDIOL 'C2 H6 O2'
GOL non-polymer GLYCEROL 'C3 H8 O3'
MLI non-polymer 'MALONATE ION' 'C3 H2 O4 -2'
NLG non-polymer N-ACETYL-L-GLUTAMATE 'C7 H11 N O5'
#
# COMPACT_ATOMS: atom_id res chain seq x y z
N ASN A 13 -3.64 12.95 14.25
CA ASN A 13 -2.70 12.51 13.18
C ASN A 13 -3.07 11.15 12.58
N GLY A 14 -2.28 10.72 11.60
CA GLY A 14 -2.48 9.43 10.97
C GLY A 14 -2.02 8.30 11.88
N PHE A 15 -2.98 7.52 12.36
CA PHE A 15 -2.72 6.27 13.07
C PHE A 15 -2.77 5.17 12.03
N SER A 16 -1.67 4.46 11.84
CA SER A 16 -1.66 3.28 10.98
C SER A 16 -0.66 2.28 11.53
N ALA A 17 -1.17 1.31 12.30
CA ALA A 17 -0.34 0.32 12.97
C ALA A 17 0.05 -0.79 12.00
N THR A 18 1.33 -0.81 11.63
CA THR A 18 1.89 -1.88 10.81
C THR A 18 2.12 -3.13 11.67
N ARG A 19 2.55 -4.22 11.05
CA ARG A 19 2.82 -5.47 11.78
C ARG A 19 3.81 -5.21 12.90
N SER A 20 4.87 -4.46 12.61
CA SER A 20 5.89 -4.17 13.61
C SER A 20 5.33 -3.26 14.71
N THR A 21 4.43 -2.34 14.35
CA THR A 21 3.79 -1.47 15.35
C THR A 21 2.99 -2.28 16.35
N VAL A 22 2.18 -3.22 15.85
CA VAL A 22 1.38 -4.09 16.71
C VAL A 22 2.26 -4.91 17.66
N ILE A 23 3.33 -5.49 17.11
CA ILE A 23 4.27 -6.28 17.90
C ILE A 23 4.93 -5.41 18.98
N GLN A 24 5.50 -4.28 18.56
CA GLN A 24 6.14 -3.33 19.48
C GLN A 24 5.19 -2.85 20.58
N LEU A 25 3.94 -2.61 20.24
CA LEU A 25 2.93 -2.18 21.21
C LEU A 25 2.73 -3.22 22.30
N LEU A 26 2.51 -4.47 21.88
CA LEU A 26 2.07 -5.53 22.79
C LEU A 26 3.20 -6.31 23.48
N ASN A 27 4.38 -6.34 22.86
CA ASN A 27 5.50 -7.14 23.36
C ASN A 27 5.77 -7.03 24.87
N ASN A 28 5.74 -5.81 25.40
CA ASN A 28 6.01 -5.59 26.84
C ASN A 28 4.77 -5.40 27.71
N ILE A 29 3.58 -5.49 27.12
CA ILE A 29 2.33 -5.41 27.88
C ILE A 29 2.05 -6.72 28.62
N SER A 30 1.87 -6.63 29.93
CA SER A 30 1.55 -7.80 30.76
C SER A 30 0.48 -7.55 31.83
N THR A 31 -0.09 -6.35 31.88
CA THR A 31 -1.10 -6.00 32.86
C THR A 31 -2.18 -5.14 32.23
N LYS A 32 -3.34 -5.09 32.89
CA LYS A 32 -4.45 -4.25 32.47
C LYS A 32 -4.08 -2.77 32.64
N ARG A 33 -3.26 -2.47 33.64
CA ARG A 33 -2.75 -1.13 33.87
C ARG A 33 -2.01 -0.61 32.63
N GLU A 34 -1.10 -1.42 32.12
CA GLU A 34 -0.33 -1.09 30.91
C GLU A 34 -1.24 -0.93 29.69
N VAL A 35 -2.20 -1.83 29.54
CA VAL A 35 -3.21 -1.73 28.49
C VAL A 35 -3.93 -0.37 28.61
N GLU A 36 -4.34 -0.02 29.82
CA GLU A 36 -5.11 1.19 30.06
C GLU A 36 -4.33 2.47 29.74
N GLN A 37 -3.05 2.53 30.06
CA GLN A 37 -2.25 3.71 29.73
C GLN A 37 -2.07 3.92 28.23
N TYR A 38 -1.92 2.85 27.45
CA TYR A 38 -1.90 2.98 25.98
C TYR A 38 -3.26 3.46 25.45
N LEU A 39 -4.33 2.95 26.02
CA LEU A 39 -5.69 3.38 25.65
C LEU A 39 -5.92 4.87 25.91
N LYS A 40 -5.38 5.38 27.03
CA LYS A 40 -5.47 6.80 27.36
C LYS A 40 -4.88 7.69 26.27
N TYR A 41 -3.72 7.33 25.74
CA TYR A 41 -3.09 8.10 24.67
C TYR A 41 -3.84 7.94 23.34
N PHE A 42 -4.26 6.72 23.01
CA PHE A 42 -4.93 6.45 21.74
C PHE A 42 -6.35 7.01 21.64
N THR A 43 -7.02 7.17 22.79
CA THR A 43 -8.38 7.73 22.82
C THR A 43 -8.42 9.21 23.18
N SER A 44 -7.27 9.80 23.51
CA SER A 44 -7.20 11.21 23.89
C SER A 44 -7.54 12.12 22.70
N VAL A 45 -8.19 13.24 22.99
CA VAL A 45 -8.49 14.26 21.97
C VAL A 45 -7.77 15.57 22.29
N SER A 46 -6.60 15.45 22.92
CA SER A 46 -5.78 16.62 23.26
C SER A 46 -5.11 17.16 22.01
N GLN A 47 -4.93 18.48 21.96
CA GLN A 47 -4.23 19.16 20.87
C GLN A 47 -2.82 19.58 21.28
N GLN A 48 -2.45 19.32 22.53
CA GLN A 48 -1.11 19.60 23.03
C GLN A 48 -0.11 18.75 22.25
N GLN A 49 1.00 19.35 21.83
CA GLN A 49 2.08 18.61 21.20
C GLN A 49 2.48 17.44 22.08
N PHE A 50 2.72 16.29 21.48
CA PHE A 50 3.01 15.08 22.24
C PHE A 50 4.40 15.12 22.86
N ALA A 51 5.40 15.45 22.06
CA ALA A 51 6.78 15.37 22.53
C ALA A 51 7.76 16.27 21.81
N VAL A 52 8.75 16.73 22.57
CA VAL A 52 10.02 17.23 22.04
C VAL A 52 11.07 16.24 22.47
N ILE A 53 11.77 15.66 21.50
CA ILE A 53 12.82 14.68 21.76
C ILE A 53 14.16 15.20 21.26
N LYS A 54 15.12 15.37 22.17
CA LYS A 54 16.48 15.75 21.80
C LYS A 54 17.29 14.49 21.62
N VAL A 55 18.01 14.40 20.51
CA VAL A 55 18.81 13.22 20.18
C VAL A 55 20.29 13.59 20.24
N GLY A 56 21.01 12.94 21.14
CA GLY A 56 22.47 13.07 21.16
C GLY A 56 23.04 12.64 19.82
N GLY A 57 23.92 13.47 19.27
CA GLY A 57 24.44 13.25 17.92
C GLY A 57 25.04 11.87 17.73
N ALA A 58 25.72 11.39 18.76
CA ALA A 58 26.40 10.09 18.69
C ALA A 58 25.44 8.94 18.34
N ILE A 59 24.18 9.05 18.73
CA ILE A 59 23.21 7.98 18.51
C ILE A 59 22.94 7.74 17.01
N ILE A 60 23.05 8.81 16.21
CA ILE A 60 22.81 8.72 14.77
C ILE A 60 23.92 7.91 14.09
N SER A 61 25.14 7.97 14.63
CA SER A 61 26.25 7.16 14.12
C SER A 61 26.32 5.77 14.74
N ASP A 62 25.82 5.62 15.97
CA ASP A 62 26.06 4.41 16.78
C ASP A 62 24.89 3.43 16.88
N ASN A 63 23.66 3.94 16.84
CA ASN A 63 22.47 3.12 17.08
C ASN A 63 21.29 3.62 16.23
N LEU A 64 21.58 3.88 14.95
CA LEU A 64 20.61 4.55 14.07
C LEU A 64 19.34 3.73 13.85
N HIS A 65 19.48 2.44 13.60
N HIS A 65 19.50 2.43 13.61
CA HIS A 65 18.30 1.61 13.33
CA HIS A 65 18.36 1.54 13.34
C HIS A 65 17.34 1.61 14.50
C HIS A 65 17.37 1.58 14.50
N GLU A 66 17.87 1.43 15.71
CA GLU A 66 17.04 1.43 16.92
C GLU A 66 16.37 2.79 17.13
N LEU A 67 17.12 3.88 16.97
CA LEU A 67 16.55 5.24 17.05
C LEU A 67 15.37 5.42 16.10
N ALA A 68 15.60 5.09 14.83
CA ALA A 68 14.58 5.21 13.77
C ALA A 68 13.34 4.35 14.07
N SER A 69 13.57 3.13 14.54
N SER A 69 13.56 3.11 14.51
CA SER A 69 12.50 2.20 14.89
CA SER A 69 12.45 2.20 14.79
C SER A 69 11.61 2.76 16.00
C SER A 69 11.59 2.69 15.96
N CYS A 70 12.22 3.28 17.04
N CYS A 70 12.24 3.28 16.96
CA CYS A 70 11.48 3.86 18.15
CA CYS A 70 11.51 3.84 18.08
C CYS A 70 10.67 5.07 17.71
C CYS A 70 10.65 5.03 17.66
N LEU A 71 11.27 5.95 16.91
CA LEU A 71 10.54 7.10 16.38
C LEU A 71 9.42 6.68 15.42
N ALA A 72 9.65 5.62 14.65
CA ALA A 72 8.65 5.06 13.76
C ALA A 72 7.41 4.58 14.51
N PHE A 73 7.63 3.95 15.67
CA PHE A 73 6.51 3.49 16.49
C PHE A 73 5.57 4.66 16.82
N LEU A 74 6.14 5.76 17.27
CA LEU A 74 5.36 6.96 17.60
C LEU A 74 4.60 7.47 16.36
N TYR A 75 5.30 7.62 15.24
CA TYR A 75 4.67 8.02 13.97
C TYR A 75 3.47 7.14 13.61
N HIS A 76 3.65 5.83 13.74
CA HIS A 76 2.60 4.89 13.37
C HIS A 76 1.38 4.92 14.29
N VAL A 77 1.57 5.23 15.58
CA VAL A 77 0.43 5.38 16.50
C VAL A 77 -0.06 6.83 16.58
N GLY A 78 0.38 7.67 15.63
CA GLY A 78 -0.16 9.03 15.48
C GLY A 78 0.28 10.03 16.54
N LEU A 79 1.44 9.80 17.16
CA LEU A 79 1.94 10.67 18.22
C LEU A 79 3.29 11.24 17.81
N TYR A 80 3.24 12.25 16.95
CA TYR A 80 4.43 12.77 16.28
C TYR A 80 5.33 13.56 17.22
N PRO A 81 6.58 13.10 17.41
CA PRO A 81 7.52 13.93 18.16
C PRO A 81 8.12 15.04 17.28
N ILE A 82 8.50 16.14 17.92
CA ILE A 82 9.38 17.11 17.31
C ILE A 82 10.81 16.68 17.65
N VAL A 83 11.61 16.40 16.63
CA VAL A 83 12.93 15.82 16.85
C VAL A 83 14.03 16.84 16.56
N LEU A 84 14.86 17.10 17.57
CA LEU A 84 16.02 17.96 17.43
C LEU A 84 17.25 17.17 17.81
N HIS A 85 18.22 17.10 16.89
CA HIS A 85 19.42 16.30 17.13
C HIS A 85 20.67 17.16 17.14
N GLY A 86 21.72 16.62 17.74
CA GLY A 86 23.03 17.25 17.75
C GLY A 86 23.99 16.58 16.78
N THR A 87 25.27 16.88 16.95
CA THR A 87 26.32 16.33 16.10
C THR A 87 27.73 16.52 16.67
N GLY A 88 27.83 16.84 17.96
CA GLY A 88 29.10 17.19 18.60
C GLY A 88 30.22 16.16 18.45
N PRO A 89 29.94 14.88 18.76
CA PRO A 89 31.01 13.87 18.71
C PRO A 89 31.61 13.68 17.32
N GLN A 90 30.79 13.74 16.28
CA GLN A 90 31.34 13.54 14.95
C GLN A 90 32.07 14.80 14.45
N VAL A 91 31.68 15.98 14.95
CA VAL A 91 32.45 17.20 14.69
C VAL A 91 33.85 17.06 15.28
N ASN A 92 33.93 16.60 16.53
CA ASN A 92 35.21 16.40 17.22
C ASN A 92 36.13 15.41 16.51
N GLY A 93 35.55 14.30 16.05
CA GLY A 93 36.30 13.34 15.23
C GLY A 93 36.84 13.96 13.95
N ARG A 94 36.04 14.85 13.34
CA ARG A 94 36.44 15.53 12.11
C ARG A 94 37.59 16.51 12.37
N LEU A 95 37.44 17.31 13.43
CA LEU A 95 38.47 18.28 13.80
C LEU A 95 39.76 17.55 14.17
N GLU A 96 39.65 16.49 14.95
CA GLU A 96 40.80 15.68 15.37
C GLU A 96 41.54 15.06 14.19
N ALA A 97 40.78 14.59 13.20
CA ALA A 97 41.37 14.01 11.98
C ALA A 97 42.13 15.06 11.18
N GLN A 98 41.72 16.33 11.30
CA GLN A 98 42.42 17.46 10.70
C GLN A 98 43.51 18.02 11.62
N GLY A 99 43.80 17.32 12.72
CA GLY A 99 44.83 17.77 13.67
C GLY A 99 44.47 19.04 14.40
N ILE A 100 43.17 19.24 14.66
CA ILE A 100 42.67 20.40 15.38
C ILE A 100 42.01 19.92 16.67
N GLU A 101 42.33 20.57 17.78
CA GLU A 101 41.80 20.19 19.08
C GLU A 101 40.49 20.93 19.32
N PRO A 102 39.40 20.18 19.63
CA PRO A 102 38.13 20.81 20.00
C PRO A 102 38.32 21.81 21.13
N ASP A 103 37.61 22.94 21.06
CA ASP A 103 37.75 24.03 21.99
C ASP A 103 36.38 24.36 22.60
N TYR A 104 36.23 24.09 23.89
CA TYR A 104 34.98 24.31 24.60
C TYR A 104 35.18 25.23 25.80
N ILE A 105 34.12 25.93 26.20
CA ILE A 105 34.06 26.56 27.53
C ILE A 105 32.65 26.40 28.08
N ASP A 106 32.56 25.90 29.31
CA ASP A 106 31.26 25.70 29.99
C ASP A 106 30.27 24.90 29.17
N GLY A 107 30.78 23.86 28.50
CA GLY A 107 29.95 22.96 27.70
C GLY A 107 29.65 23.48 26.31
N ILE A 108 30.13 24.68 25.99
CA ILE A 108 29.78 25.38 24.76
C ILE A 108 30.99 25.42 23.82
N ARG A 109 30.79 25.02 22.56
CA ARG A 109 31.89 24.99 21.59
C ARG A 109 32.25 26.39 21.10
N ILE A 110 33.51 26.76 21.29
CA ILE A 110 34.05 27.97 20.69
C ILE A 110 34.18 27.69 19.20
N THR A 111 33.53 28.52 18.38
CA THR A 111 33.28 28.18 16.99
C THR A 111 33.74 29.29 16.05
N ASP A 112 35.01 29.21 15.63
CA ASP A 112 35.54 30.13 14.62
C ASP A 112 35.03 29.72 13.23
N GLU A 113 35.47 30.43 12.19
CA GLU A 113 34.94 30.24 10.85
C GLU A 113 35.17 28.83 10.29
N HIS A 114 36.38 28.31 10.42
CA HIS A 114 36.66 26.95 9.93
C HIS A 114 35.87 25.89 10.70
N THR A 115 35.78 26.04 12.02
CA THR A 115 35.02 25.10 12.85
C THR A 115 33.54 25.10 12.47
N MET A 116 32.99 26.27 12.19
CA MET A 116 31.59 26.40 11.77
C MET A 116 31.35 25.64 10.47
N ALA A 117 32.28 25.71 9.53
CA ALA A 117 32.20 24.94 8.29
C ALA A 117 32.10 23.44 8.59
N VAL A 118 32.93 22.96 9.52
CA VAL A 118 32.90 21.56 9.91
C VAL A 118 31.58 21.23 10.61
N VAL A 119 31.15 22.10 11.54
CA VAL A 119 29.88 21.92 12.23
C VAL A 119 28.71 21.84 11.23
N ARG A 120 28.67 22.74 10.25
CA ARG A 120 27.58 22.76 9.27
C ARG A 120 27.50 21.47 8.47
N LYS A 121 28.66 21.00 7.98
CA LYS A 121 28.72 19.77 7.20
C LYS A 121 28.28 18.56 8.01
N CYS A 122 28.75 18.47 9.26
CA CYS A 122 28.37 17.37 10.15
C CYS A 122 26.88 17.39 10.50
N PHE A 123 26.35 18.56 10.83
CA PHE A 123 24.91 18.68 11.10
C PHE A 123 24.09 18.18 9.91
N LEU A 124 24.45 18.61 8.71
CA LEU A 124 23.72 18.20 7.51
C LEU A 124 23.81 16.69 7.26
N GLU A 125 24.98 16.11 7.50
CA GLU A 125 25.17 14.66 7.33
C GLU A 125 24.33 13.86 8.33
N GLN A 126 24.36 14.26 9.61
CA GLN A 126 23.60 13.56 10.65
C GLN A 126 22.10 13.69 10.41
N ASN A 127 21.68 14.91 10.08
CA ASN A 127 20.30 15.21 9.76
C ASN A 127 19.77 14.32 8.64
N LEU A 128 20.50 14.24 7.53
CA LEU A 128 20.07 13.43 6.39
C LEU A 128 20.12 11.92 6.69
N LYS A 129 21.10 11.48 7.47
CA LYS A 129 21.16 10.09 7.93
C LYS A 129 19.89 9.70 8.69
N LEU A 130 19.49 10.53 9.65
CA LEU A 130 18.28 10.26 10.44
C LEU A 130 17.02 10.29 9.56
N VAL A 131 16.87 11.36 8.77
CA VAL A 131 15.72 11.48 7.86
C VAL A 131 15.62 10.26 6.94
N THR A 132 16.74 9.87 6.36
CA THR A 132 16.77 8.76 5.41
C THR A 132 16.47 7.42 6.10
N ALA A 133 16.97 7.22 7.31
CA ALA A 133 16.66 6.02 8.09
C ALA A 133 15.16 5.90 8.38
N LEU A 134 14.53 7.03 8.69
CA LEU A 134 13.09 7.06 8.89
C LEU A 134 12.33 6.73 7.59
N GLU A 135 12.70 7.41 6.50
CA GLU A 135 12.05 7.14 5.21
C GLU A 135 12.15 5.67 4.80
N GLN A 136 13.29 5.04 5.10
CA GLN A 136 13.50 3.62 4.77
C GLN A 136 12.58 2.68 5.57
N LEU A 137 12.08 3.15 6.71
CA LEU A 137 11.09 2.41 7.47
C LEU A 137 9.65 2.81 7.11
N GLY A 138 9.49 3.63 6.06
CA GLY A 138 8.18 4.11 5.63
C GLY A 138 7.65 5.28 6.43
N VAL A 139 8.54 5.98 7.14
CA VAL A 139 8.17 7.13 7.93
C VAL A 139 8.55 8.40 7.18
N ARG A 140 7.56 9.22 6.82
CA ARG A 140 7.84 10.51 6.20
C ARG A 140 8.57 11.40 7.19
N ALA A 141 9.69 11.97 6.76
CA ALA A 141 10.48 12.87 7.60
C ALA A 141 10.91 14.05 6.77
N ARG A 142 10.95 15.22 7.40
CA ARG A 142 11.32 16.47 6.72
C ARG A 142 12.56 17.07 7.39
N PRO A 143 13.66 17.21 6.62
CA PRO A 143 14.81 17.93 7.18
C PRO A 143 14.47 19.40 7.38
N ILE A 144 14.66 19.91 8.60
CA ILE A 144 14.47 21.33 8.84
C ILE A 144 15.80 21.90 9.35
N THR A 145 16.50 22.57 8.44
CA THR A 145 17.89 22.98 8.65
C THR A 145 18.08 24.49 8.80
N SER A 146 17.05 25.26 8.53
CA SER A 146 17.08 26.70 8.78
C SER A 146 15.67 27.22 8.98
N GLY A 147 15.58 28.48 9.36
CA GLY A 147 14.31 29.19 9.44
C GLY A 147 13.48 28.98 10.70
N VAL A 148 14.04 28.28 11.69
CA VAL A 148 13.33 28.05 12.95
C VAL A 148 13.88 28.93 14.08
N PHE A 149 15.20 28.86 14.31
CA PHE A 149 15.82 29.57 15.41
C PHE A 149 16.43 30.88 14.94
N THR A 150 16.06 31.96 15.61
CA THR A 150 16.66 33.28 15.39
C THR A 150 17.46 33.60 16.63
N ALA A 151 18.68 34.10 16.44
CA ALA A 151 19.61 34.32 17.54
C ALA A 151 20.44 35.60 17.41
N ASP A 152 20.90 36.09 18.56
CA ASP A 152 21.99 37.06 18.66
C ASP A 152 23.28 36.31 18.97
N TYR A 153 24.41 36.99 18.85
CA TYR A 153 25.67 36.46 19.37
C TYR A 153 25.59 36.29 20.88
N LEU A 154 25.91 35.10 21.38
CA LEU A 154 25.95 34.86 22.82
C LEU A 154 27.04 35.72 23.45
N ASP A 155 28.25 35.59 22.94
CA ASP A 155 29.37 36.45 23.33
C ASP A 155 30.44 36.31 22.24
N LYS A 156 30.48 37.27 21.32
CA LYS A 156 31.31 37.14 20.13
C LYS A 156 32.80 36.92 20.46
N ASP A 157 33.32 37.70 21.41
CA ASP A 157 34.75 37.64 21.74
C ASP A 157 35.12 36.35 22.47
N LYS A 158 34.18 35.81 23.25
CA LYS A 158 34.40 34.59 24.01
C LYS A 158 34.13 33.31 23.17
N TYR A 159 32.99 33.27 22.49
CA TYR A 159 32.55 32.04 21.80
C TYR A 159 32.62 32.10 20.27
N LYS A 160 32.80 33.29 19.72
CA LYS A 160 32.81 33.50 18.26
C LYS A 160 31.42 33.20 17.65
N LEU A 161 31.32 32.25 16.71
CA LEU A 161 30.05 32.07 15.97
C LEU A 161 29.07 31.16 16.75
N VAL A 162 28.67 31.63 17.93
CA VAL A 162 27.73 30.90 18.79
C VAL A 162 26.53 31.80 19.11
N GLY A 163 25.35 31.20 19.09
CA GLY A 163 24.11 31.95 19.20
C GLY A 163 23.44 31.91 20.56
N ASN A 164 22.76 33.02 20.87
CA ASN A 164 21.82 33.11 21.96
C ASN A 164 20.45 33.21 21.30
N ILE A 165 19.65 32.14 21.39
CA ILE A 165 18.38 32.07 20.69
C ILE A 165 17.40 33.07 21.31
N LYS A 166 16.80 33.91 20.46
CA LYS A 166 15.85 34.92 20.90
C LYS A 166 14.41 34.55 20.57
N SER A 167 14.19 33.75 19.54
CA SER A 167 12.82 33.32 19.19
C SER A 167 12.81 32.05 18.36
N VAL A 168 11.65 31.41 18.35
CA VAL A 168 11.41 30.19 17.60
C VAL A 168 10.24 30.44 16.65
N THR A 169 10.48 30.24 15.36
CA THR A 169 9.42 30.30 14.36
C THR A 169 8.84 28.90 14.24
N LYS A 170 7.58 28.76 14.62
CA LYS A 170 6.95 27.46 14.74
C LYS A 170 6.45 26.88 13.41
N GLU A 171 6.12 27.76 12.45
CA GLU A 171 5.42 27.37 11.22
C GLU A 171 6.02 26.16 10.48
N PRO A 172 7.35 26.13 10.26
CA PRO A 172 7.98 24.99 9.59
C PRO A 172 7.68 23.64 10.26
N ILE A 173 7.72 23.64 11.60
CA ILE A 173 7.51 22.44 12.39
C ILE A 173 6.04 22.02 12.33
N GLU A 174 5.15 23.01 12.42
CA GLU A 174 3.71 22.77 12.35
C GLU A 174 3.27 22.32 10.97
N ALA A 175 3.88 22.89 9.93
CA ALA A 175 3.56 22.50 8.55
C ALA A 175 3.98 21.05 8.27
N SER A 176 5.18 20.68 8.72
CA SER A 176 5.66 19.30 8.61
C SER A 176 4.66 18.31 9.22
N ILE A 177 4.26 18.58 10.46
CA ILE A 177 3.34 17.70 11.19
C ILE A 177 1.97 17.65 10.51
N LYS A 178 1.46 18.81 10.10
CA LYS A 178 0.17 18.88 9.39
C LYS A 178 0.21 18.10 8.07
N ALA A 179 1.36 18.10 7.41
CA ALA A 179 1.54 17.32 6.17
C ALA A 179 1.77 15.83 6.40
N GLY A 180 1.99 15.42 7.65
CA GLY A 180 2.22 14.00 7.98
C GLY A 180 3.69 13.56 7.94
N ALA A 181 4.60 14.45 8.29
CA ALA A 181 6.02 14.13 8.33
C ALA A 181 6.61 14.55 9.67
N LEU A 182 7.48 13.70 10.20
CA LEU A 182 8.22 14.05 11.39
C LEU A 182 9.21 15.18 11.05
N PRO A 183 9.18 16.28 11.81
CA PRO A 183 10.14 17.35 11.61
C PRO A 183 11.46 17.00 12.31
N ILE A 184 12.53 16.95 11.54
CA ILE A 184 13.86 16.57 12.03
C ILE A 184 14.79 17.79 11.95
N LEU A 185 15.04 18.39 13.10
CA LEU A 185 15.70 19.70 13.19
C LEU A 185 17.15 19.60 13.61
N THR A 186 17.99 20.44 13.02
CA THR A 186 19.32 20.72 13.54
C THR A 186 19.18 21.86 14.55
N SER A 187 20.22 22.10 15.34
CA SER A 187 20.17 23.15 16.37
C SER A 187 20.83 24.48 15.97
N LEU A 188 21.19 24.63 14.69
CA LEU A 188 21.80 25.89 14.23
C LEU A 188 20.77 27.01 14.16
N ALA A 189 21.19 28.23 14.49
CA ALA A 189 20.32 29.40 14.45
C ALA A 189 20.87 30.43 13.48
N GLU A 190 20.03 31.38 13.10
CA GLU A 190 20.44 32.46 12.21
C GLU A 190 20.20 33.80 12.88
N THR A 191 21.14 34.73 12.68
CA THR A 191 20.84 36.13 12.94
C THR A 191 19.82 36.58 11.91
N ALA A 192 19.16 37.70 12.18
CA ALA A 192 18.17 38.24 11.26
C ALA A 192 18.74 38.33 9.83
N SER A 193 19.99 38.79 9.72
CA SER A 193 20.63 39.00 8.43
C SER A 193 21.36 37.76 7.88
N GLY A 194 21.12 36.60 8.49
CA GLY A 194 21.49 35.32 7.88
C GLY A 194 22.86 34.72 8.20
N GLN A 195 23.50 35.15 9.29
CA GLN A 195 24.72 34.48 9.74
C GLN A 195 24.31 33.31 10.62
N MET A 196 24.63 32.10 10.17
CA MET A 196 24.34 30.91 10.94
C MET A 196 25.24 30.89 12.17
N LEU A 197 24.64 30.57 13.32
CA LEU A 197 25.35 30.53 14.59
C LEU A 197 25.13 29.18 15.24
N ASN A 198 26.21 28.63 15.78
CA ASN A 198 26.20 27.33 16.43
C ASN A 198 25.50 27.45 17.78
N VAL A 199 24.62 26.51 18.08
CA VAL A 199 23.93 26.47 19.36
C VAL A 199 23.93 25.03 19.86
N ASN A 200 24.21 24.84 21.15
CA ASN A 200 24.20 23.51 21.73
C ASN A 200 22.81 22.92 21.63
N ALA A 201 22.74 21.66 21.20
CA ALA A 201 21.45 21.01 20.92
C ALA A 201 20.58 20.82 22.17
N ASP A 202 21.20 20.67 23.34
CA ASP A 202 20.46 20.62 24.61
C ASP A 202 19.70 21.93 24.83
N VAL A 203 20.32 23.04 24.45
CA VAL A 203 19.71 24.36 24.62
C VAL A 203 18.62 24.60 23.60
N ALA A 204 18.90 24.26 22.33
CA ALA A 204 17.93 24.45 21.25
C ALA A 204 16.69 23.59 21.51
N ALA A 205 16.89 22.36 21.98
CA ALA A 205 15.77 21.49 22.33
C ALA A 205 14.94 22.11 23.46
N GLY A 206 15.62 22.69 24.44
CA GLY A 206 14.95 23.42 25.52
C GLY A 206 14.08 24.56 25.01
N GLU A 207 14.59 25.32 24.04
CA GLU A 207 13.83 26.40 23.41
C GLU A 207 12.57 25.88 22.73
N LEU A 208 12.65 24.72 22.08
CA LEU A 208 11.48 24.10 21.47
C LEU A 208 10.44 23.70 22.52
N ALA A 209 10.90 23.04 23.59
CA ALA A 209 10.02 22.63 24.68
C ALA A 209 9.32 23.83 25.32
N ARG A 210 10.07 24.92 25.48
CA ARG A 210 9.54 26.17 26.03
C ARG A 210 8.35 26.69 25.23
N VAL A 211 8.50 26.73 23.91
CA VAL A 211 7.51 27.34 23.04
C VAL A 211 6.36 26.37 22.68
N PHE A 212 6.65 25.08 22.61
CA PHE A 212 5.62 24.10 22.27
C PHE A 212 4.91 23.50 23.47
N GLU A 213 5.49 23.64 24.66
CA GLU A 213 4.92 23.08 25.90
C GLU A 213 4.36 21.65 25.72
N PRO A 214 5.21 20.72 25.28
CA PRO A 214 4.76 19.36 24.98
C PRO A 214 4.37 18.59 26.23
N LEU A 215 3.69 17.46 26.03
CA LEU A 215 3.35 16.58 27.15
C LEU A 215 4.62 15.88 27.64
N LYS A 216 5.49 15.50 26.70
CA LYS A 216 6.69 14.73 27.01
C LYS A 216 7.92 15.49 26.55
N ILE A 217 8.95 15.54 27.40
CA ILE A 217 10.25 16.10 27.07
C ILE A 217 11.31 15.06 27.39
N VAL A 218 11.99 14.59 26.36
CA VAL A 218 12.94 13.49 26.51
C VAL A 218 14.28 13.87 25.88
N TYR A 219 15.35 13.67 26.62
CA TYR A 219 16.71 13.86 26.12
C TYR A 219 17.35 12.47 26.00
N LEU A 220 17.79 12.11 24.80
CA LEU A 220 18.39 10.80 24.56
C LEU A 220 19.90 10.90 24.56
N ASN A 221 20.53 10.04 25.37
CA ASN A 221 21.98 9.87 25.30
C ASN A 221 22.34 8.40 25.47
N GLU A 222 23.60 8.07 25.23
CA GLU A 222 24.05 6.67 25.21
C GLU A 222 24.18 6.06 26.61
N LYS A 223 24.71 6.81 27.57
CA LYS A 223 24.89 6.31 28.94
C LYS A 223 23.57 6.15 29.70
N GLY A 224 22.50 6.74 29.19
CA GLY A 224 21.17 6.56 29.76
C GLY A 224 20.88 7.45 30.94
N GLY A 225 21.23 8.73 30.85
CA GLY A 225 20.92 9.70 31.90
C GLY A 225 22.14 10.47 32.40
N ILE A 226 22.15 10.77 33.70
CA ILE A 226 23.26 11.49 34.33
C ILE A 226 23.85 10.60 35.43
N ILE A 227 25.16 10.51 35.45
CA ILE A 227 25.88 9.72 36.45
C ILE A 227 26.43 10.63 37.53
N ASN A 228 26.19 10.27 38.79
CA ASN A 228 26.89 10.89 39.91
C ASN A 228 28.35 10.44 39.86
N GLY A 229 29.24 11.38 39.53
CA GLY A 229 30.67 11.12 39.39
C GLY A 229 31.40 10.71 40.66
N SER A 230 30.90 11.12 41.82
CA SER A 230 31.54 10.79 43.09
C SER A 230 31.22 9.36 43.50
N THR A 231 29.95 9.00 43.40
CA THR A 231 29.47 7.68 43.86
C THR A 231 29.49 6.63 42.75
N GLY A 232 29.52 7.07 41.50
CA GLY A 232 29.54 6.17 40.34
C GLY A 232 28.21 5.48 40.11
N GLU A 233 27.11 6.18 40.44
CA GLU A 233 25.76 5.66 40.31
C GLU A 233 24.93 6.55 39.41
N LYS A 234 24.15 5.92 38.53
CA LYS A 234 23.15 6.62 37.75
C LYS A 234 22.19 7.33 38.72
N ILE A 235 21.91 8.60 38.43
CA ILE A 235 20.94 9.36 39.22
C ILE A 235 19.54 9.09 38.65
N SER A 236 18.66 8.60 39.51
CA SER A 236 17.33 8.20 39.10
C SER A 236 16.36 9.39 39.08
N MET A 237 16.50 10.28 40.06
CA MET A 237 15.56 11.40 40.23
C MET A 237 16.29 12.65 40.73
N ILE A 238 16.03 13.79 40.08
CA ILE A 238 16.52 15.09 40.54
C ILE A 238 15.34 16.05 40.80
N ASN A 239 15.18 16.43 42.07
CA ASN A 239 14.21 17.44 42.48
C ASN A 239 14.92 18.79 42.60
N LEU A 240 14.76 19.62 41.57
CA LEU A 240 15.57 20.84 41.42
C LEU A 240 15.40 21.88 42.54
N ASP A 241 14.17 22.17 42.91
CA ASP A 241 13.91 23.18 43.96
C ASP A 241 14.69 22.85 45.23
N GLU A 242 14.82 21.56 45.52
CA GLU A 242 15.56 21.09 46.69
C GLU A 242 17.05 20.93 46.40
N GLU A 243 17.40 20.40 45.23
CA GLU A 243 18.74 19.87 44.97
C GLU A 243 19.65 20.71 44.07
N TYR A 244 19.10 21.61 43.28
CA TYR A 244 19.85 22.28 42.22
C TYR A 244 21.08 23.03 42.72
N ASP A 245 20.91 23.86 43.75
CA ASP A 245 21.99 24.70 44.25
C ASP A 245 23.19 23.86 44.68
N ASP A 246 22.94 22.78 45.42
CA ASP A 246 24.01 21.87 45.83
C ASP A 246 24.56 21.06 44.67
N LEU A 247 23.67 20.64 43.78
CA LEU A 247 24.06 19.87 42.59
C LEU A 247 25.15 20.59 41.79
N MET A 248 24.92 21.88 41.54
CA MET A 248 25.80 22.67 40.67
C MET A 248 27.19 22.91 41.27
N LYS A 249 27.32 22.76 42.59
CA LYS A 249 28.61 22.88 43.26
C LYS A 249 29.48 21.62 43.18
N GLN A 250 28.90 20.50 42.73
CA GLN A 250 29.63 19.24 42.72
C GLN A 250 30.68 19.20 41.61
N SER A 251 31.79 18.52 41.89
CA SER A 251 32.97 18.52 41.02
C SER A 251 32.69 17.92 39.64
N TRP A 252 31.81 16.94 39.60
CA TRP A 252 31.47 16.25 38.35
C TRP A 252 30.37 16.98 37.55
N VAL A 253 29.81 18.05 38.11
CA VAL A 253 28.87 18.89 37.35
C VAL A 253 29.66 20.04 36.72
N LYS A 254 30.17 19.76 35.52
CA LYS A 254 30.94 20.73 34.75
C LYS A 254 30.82 20.36 33.27
N TYR A 255 31.50 21.11 32.42
CA TYR A 255 31.49 20.84 30.98
C TYR A 255 30.05 20.72 30.46
N GLY A 256 29.78 19.72 29.62
CA GLY A 256 28.45 19.51 29.06
C GLY A 256 27.37 19.17 30.07
N THR A 257 27.75 18.56 31.18
CA THR A 257 26.78 18.15 32.20
C THR A 257 26.20 19.37 32.91
N LYS A 258 27.05 20.34 33.22
CA LYS A 258 26.61 21.59 33.83
C LYS A 258 25.65 22.34 32.92
N LEU A 259 26.00 22.47 31.65
CA LEU A 259 25.16 23.14 30.65
C LEU A 259 23.79 22.47 30.57
N LYS A 260 23.78 21.14 30.53
CA LYS A 260 22.55 20.37 30.43
C LYS A 260 21.61 20.61 31.62
N ILE A 261 22.17 20.51 32.82
CA ILE A 261 21.39 20.64 34.04
C ILE A 261 20.85 22.07 34.21
N ARG A 262 21.70 23.06 33.96
CA ARG A 262 21.29 24.47 33.96
C ARG A 262 20.17 24.72 32.95
N GLU A 263 20.34 24.22 31.73
CA GLU A 263 19.31 24.39 30.70
C GLU A 263 17.96 23.83 31.14
N ILE A 264 17.97 22.59 31.62
CA ILE A 264 16.73 21.91 32.06
C ILE A 264 16.09 22.61 33.27
N LYS A 265 16.92 23.14 34.16
CA LYS A 265 16.44 23.91 35.31
C LYS A 265 15.71 25.16 34.85
N GLU A 266 16.35 25.90 33.93
CA GLU A 266 15.76 27.12 33.38
C GLU A 266 14.48 26.83 32.59
N LEU A 267 14.50 25.75 31.81
CA LEU A 267 13.32 25.32 31.06
C LEU A 267 12.15 25.09 32.03
N LEU A 268 12.42 24.35 33.09
CA LEU A 268 11.38 23.97 34.04
C LEU A 268 10.90 25.13 34.93
N ASP A 269 11.72 26.17 35.09
CA ASP A 269 11.27 27.41 35.75
C ASP A 269 10.12 28.04 34.97
N TYR A 270 10.18 27.92 33.65
CA TYR A 270 9.18 28.50 32.76
C TYR A 270 7.93 27.62 32.63
N LEU A 271 8.12 26.31 32.53
CA LEU A 271 6.98 25.39 32.36
C LEU A 271 6.28 25.15 33.69
N PRO A 272 5.04 24.62 33.64
CA PRO A 272 4.32 24.26 34.88
C PRO A 272 5.00 23.13 35.66
N ARG A 273 4.66 23.03 36.95
CA ARG A 273 5.25 22.01 37.83
C ARG A 273 4.98 20.57 37.35
N SER A 274 3.88 20.38 36.64
CA SER A 274 3.52 19.09 36.07
C SER A 274 4.47 18.60 34.97
N SER A 275 5.28 19.51 34.41
CA SER A 275 6.27 19.13 33.42
C SER A 275 7.49 18.47 34.08
N SER A 276 8.19 17.67 33.30
CA SER A 276 9.43 17.06 33.75
C SER A 276 10.24 16.73 32.50
N VAL A 277 11.51 16.38 32.72
CA VAL A 277 12.41 16.00 31.62
C VAL A 277 13.07 14.66 31.96
N ALA A 278 13.02 13.72 31.01
CA ALA A 278 13.67 12.44 31.15
C ALA A 278 14.91 12.42 30.27
N ILE A 279 16.03 12.02 30.87
CA ILE A 279 17.26 11.77 30.14
C ILE A 279 17.48 10.26 30.16
N ILE A 280 17.35 9.63 28.99
CA ILE A 280 17.31 8.17 28.88
C ILE A 280 18.04 7.65 27.65
N ASN A 281 18.32 6.35 27.65
CA ASN A 281 18.80 5.66 26.47
C ASN A 281 17.59 5.32 25.62
N VAL A 282 17.77 5.35 24.30
CA VAL A 282 16.69 5.17 23.35
C VAL A 282 15.95 3.84 23.51
N GLN A 283 16.65 2.80 23.98
CA GLN A 283 16.03 1.50 24.21
C GLN A 283 14.90 1.57 25.25
N ASP A 284 14.89 2.61 26.07
CA ASP A 284 13.87 2.77 27.11
C ASP A 284 12.82 3.84 26.78
N LEU A 285 12.79 4.32 25.54
CA LEU A 285 11.92 5.45 25.20
C LEU A 285 10.43 5.08 25.26
N GLN A 286 10.07 3.96 24.63
CA GLN A 286 8.68 3.52 24.64
C GLN A 286 8.18 3.30 26.08
N LYS A 287 8.89 2.48 26.85
CA LYS A 287 8.53 2.18 28.24
C LYS A 287 8.33 3.47 29.04
N GLU A 288 9.24 4.41 28.86
CA GLU A 288 9.25 5.62 29.66
C GLU A 288 8.15 6.61 29.24
N LEU A 289 7.86 6.67 27.93
CA LEU A 289 6.78 7.53 27.44
C LEU A 289 5.39 7.06 27.91
N PHE A 290 5.15 5.74 27.89
CA PHE A 290 3.79 5.20 28.02
C PHE A 290 3.49 4.46 29.31
N THR A 291 4.49 3.80 29.90
CA THR A 291 4.26 2.89 31.03
C THR A 291 5.19 3.23 32.22
N ASP A 292 5.37 2.27 33.13
CA ASP A 292 6.22 2.49 34.31
C ASP A 292 7.69 2.19 34.01
N SER A 293 8.56 3.13 34.36
CA SER A 293 9.98 3.01 34.10
C SER A 293 10.81 3.68 35.21
N GLY A 294 11.81 2.94 35.70
CA GLY A 294 12.83 3.52 36.58
C GLY A 294 14.11 3.76 35.81
N ALA A 295 14.02 3.75 34.47
CA ALA A 295 15.18 3.90 33.61
C ALA A 295 15.58 5.37 33.51
N GLY A 296 16.87 5.61 33.34
CA GLY A 296 17.37 6.95 33.10
C GLY A 296 17.27 7.89 34.28
N THR A 297 17.39 9.19 33.98
CA THR A 297 17.35 10.24 34.98
C THR A 297 16.13 11.12 34.74
N MET A 298 15.24 11.17 35.72
CA MET A 298 14.06 12.03 35.67
C MET A 298 14.40 13.33 36.41
N ILE A 299 14.11 14.47 35.77
CA ILE A 299 14.32 15.78 36.37
C ILE A 299 13.01 16.57 36.41
N ARG A 300 12.69 17.10 37.59
CA ARG A 300 11.47 17.90 37.80
C ARG A 300 11.75 18.95 38.87
N ARG A 301 10.90 19.98 38.95
CA ARG A 301 11.03 20.99 40.01
C ARG A 301 10.83 20.36 41.38
N GLY A 302 9.83 19.48 41.49
CA GLY A 302 9.62 18.69 42.69
C GLY A 302 8.67 19.30 43.69
N TYR A 303 9.03 20.48 44.22
CA TYR A 303 8.31 21.13 45.33
C TYR A 303 8.64 20.44 46.64
N GLY B 14 3.50 2.16 -2.76
CA GLY B 14 3.57 1.52 -4.11
C GLY B 14 2.86 2.36 -5.15
N PHE B 15 3.45 2.48 -6.33
CA PHE B 15 2.92 3.34 -7.36
C PHE B 15 1.59 2.85 -7.92
N SER B 16 0.61 3.75 -7.97
CA SER B 16 -0.60 3.57 -8.74
C SER B 16 -1.01 4.91 -9.39
N ALA B 17 -1.71 4.83 -10.53
CA ALA B 17 -2.20 6.02 -11.21
C ALA B 17 -3.68 5.87 -11.52
N THR B 18 -4.42 6.96 -11.34
CA THR B 18 -5.85 6.99 -11.61
C THR B 18 -6.11 7.05 -13.11
N ARG B 19 -7.38 6.88 -13.48
CA ARG B 19 -7.80 6.97 -14.87
C ARG B 19 -7.47 8.35 -15.44
N SER B 20 -7.83 9.41 -14.73
CA SER B 20 -7.61 10.77 -15.25
C SER B 20 -6.12 11.08 -15.42
N THR B 21 -5.29 10.61 -14.49
CA THR B 21 -3.84 10.74 -14.63
C THR B 21 -3.34 10.07 -15.91
N VAL B 22 -3.77 8.83 -16.14
CA VAL B 22 -3.32 8.09 -17.33
C VAL B 22 -3.85 8.73 -18.62
N ILE B 23 -5.10 9.21 -18.60
CA ILE B 23 -5.67 9.93 -19.73
C ILE B 23 -4.83 11.17 -20.07
N GLN B 24 -4.49 11.96 -19.05
CA GLN B 24 -3.65 13.14 -19.25
C GLN B 24 -2.25 12.76 -19.77
N LEU B 25 -1.68 11.66 -19.28
CA LEU B 25 -0.41 11.15 -19.79
C LEU B 25 -0.53 10.79 -21.26
N LEU B 26 -1.57 10.03 -21.61
CA LEU B 26 -1.78 9.66 -23.02
C LEU B 26 -2.05 10.88 -23.92
N ASN B 27 -2.70 11.90 -23.37
CA ASN B 27 -2.90 13.14 -24.13
C ASN B 27 -1.60 13.90 -24.41
N ASN B 28 -0.59 13.71 -23.57
CA ASN B 28 0.71 14.38 -23.74
C ASN B 28 1.72 13.65 -24.64
N ILE B 29 1.54 12.34 -24.80
CA ILE B 29 2.50 11.50 -25.51
C ILE B 29 1.87 10.95 -26.79
N SER B 30 2.43 11.33 -27.95
CA SER B 30 1.88 10.98 -29.26
C SER B 30 2.82 10.18 -30.18
N THR B 31 4.13 10.21 -29.92
CA THR B 31 5.10 9.54 -30.78
C THR B 31 5.87 8.48 -30.00
N LYS B 32 6.47 7.54 -30.73
CA LYS B 32 7.26 6.48 -30.10
C LYS B 32 8.48 7.07 -29.41
N ARG B 33 9.13 8.06 -30.03
CA ARG B 33 10.25 8.77 -29.41
C ARG B 33 9.88 9.28 -28.02
N GLU B 34 8.71 9.91 -27.93
CA GLU B 34 8.19 10.46 -26.68
C GLU B 34 7.89 9.39 -25.64
N VAL B 35 7.41 8.23 -26.10
CA VAL B 35 7.18 7.08 -25.22
C VAL B 35 8.51 6.64 -24.58
N GLU B 36 9.52 6.42 -25.42
CA GLU B 36 10.81 5.91 -24.95
C GLU B 36 11.52 6.90 -24.03
N GLN B 37 11.35 8.19 -24.31
CA GLN B 37 11.86 9.24 -23.44
C GLN B 37 11.22 9.17 -22.06
N TYR B 38 9.89 9.09 -22.03
CA TYR B 38 9.16 8.98 -20.76
C TYR B 38 9.57 7.74 -19.97
N LEU B 39 9.65 6.61 -20.66
CA LEU B 39 10.00 5.34 -20.03
C LEU B 39 11.41 5.38 -19.44
N LYS B 40 12.34 6.01 -20.16
CA LYS B 40 13.73 6.16 -19.71
C LYS B 40 13.79 6.80 -18.32
N TYR B 41 13.00 7.85 -18.10
CA TYR B 41 13.01 8.54 -16.81
C TYR B 41 12.05 7.94 -15.78
N PHE B 42 10.90 7.45 -16.25
CA PHE B 42 9.93 6.76 -15.39
C PHE B 42 10.52 5.51 -14.72
N THR B 43 11.33 4.75 -15.47
CA THR B 43 11.86 3.48 -14.99
C THR B 43 13.31 3.58 -14.47
N SER B 44 13.83 4.79 -14.39
CA SER B 44 15.23 5.00 -14.08
C SER B 44 15.61 4.44 -12.71
N VAL B 45 16.78 3.81 -12.65
CA VAL B 45 17.39 3.37 -11.40
C VAL B 45 18.76 4.03 -11.20
N SER B 46 19.09 5.00 -12.05
CA SER B 46 20.39 5.67 -12.00
C SER B 46 20.21 7.09 -11.46
N GLN B 47 21.27 7.89 -11.54
CA GLN B 47 21.25 9.24 -10.97
C GLN B 47 20.84 10.31 -11.99
N GLN B 48 20.45 9.89 -13.20
CA GLN B 48 20.02 10.81 -14.25
C GLN B 48 18.83 11.65 -13.79
N GLN B 49 18.77 12.89 -14.25
CA GLN B 49 17.68 13.79 -13.88
C GLN B 49 16.83 14.18 -15.08
N PHE B 50 15.52 14.16 -14.86
CA PHE B 50 14.54 14.52 -15.85
C PHE B 50 14.53 16.02 -16.11
N ALA B 51 14.44 16.82 -15.04
CA ALA B 51 14.23 18.25 -15.22
C ALA B 51 14.72 19.11 -14.06
N VAL B 52 15.22 20.29 -14.42
CA VAL B 52 15.35 21.40 -13.48
C VAL B 52 14.36 22.46 -13.94
N ILE B 53 13.45 22.83 -13.05
CA ILE B 53 12.44 23.82 -13.36
C ILE B 53 12.64 25.00 -12.44
N LYS B 54 12.93 26.16 -13.03
CA LYS B 54 12.99 27.42 -12.27
C LYS B 54 11.63 28.10 -12.32
N VAL B 55 11.14 28.50 -11.16
CA VAL B 55 9.84 29.12 -11.04
C VAL B 55 10.03 30.59 -10.63
N GLY B 56 9.55 31.51 -11.46
CA GLY B 56 9.54 32.92 -11.08
C GLY B 56 8.72 33.12 -9.82
N GLY B 57 9.23 33.91 -8.89
CA GLY B 57 8.55 34.18 -7.64
C GLY B 57 7.09 34.59 -7.80
N ALA B 58 6.82 35.45 -8.79
CA ALA B 58 5.46 35.96 -9.04
C ALA B 58 4.43 34.85 -9.24
N ILE B 59 4.83 33.74 -9.84
CA ILE B 59 3.89 32.66 -10.12
C ILE B 59 3.30 32.06 -8.82
N ILE B 60 4.08 32.08 -7.74
CA ILE B 60 3.63 31.54 -6.46
C ILE B 60 2.53 32.42 -5.84
N SER B 61 2.58 33.75 -6.04
CA SER B 61 1.50 34.64 -5.60
C SER B 61 0.34 34.74 -6.60
N ASP B 62 0.63 34.56 -7.89
CA ASP B 62 -0.31 34.90 -8.96
C ASP B 62 -1.08 33.72 -9.57
N ASN B 63 -0.49 32.53 -9.54
CA ASN B 63 -1.03 31.39 -10.27
C ASN B 63 -0.64 30.07 -9.62
N LEU B 64 -0.77 30.01 -8.29
CA LEU B 64 -0.22 28.90 -7.50
C LEU B 64 -0.94 27.59 -7.78
N HIS B 65 -2.26 27.64 -7.94
CA HIS B 65 -3.01 26.41 -8.13
C HIS B 65 -2.63 25.69 -9.44
N GLU B 66 -2.48 26.44 -10.53
N GLU B 66 -2.47 26.43 -10.52
CA GLU B 66 -2.12 25.85 -11.83
CA GLU B 66 -2.12 25.82 -11.80
C GLU B 66 -0.71 25.28 -11.77
C GLU B 66 -0.70 25.29 -11.80
N LEU B 67 0.21 26.02 -11.15
CA LEU B 67 1.60 25.56 -10.99
C LEU B 67 1.64 24.26 -10.20
N ALA B 68 0.98 24.27 -9.03
CA ALA B 68 0.93 23.09 -8.17
C ALA B 68 0.31 21.91 -8.89
N SER B 69 -0.79 22.14 -9.61
CA SER B 69 -1.46 21.07 -10.36
C SER B 69 -0.60 20.46 -11.46
N CYS B 70 0.17 21.30 -12.14
N CYS B 70 0.18 21.30 -12.13
CA CYS B 70 1.06 20.83 -13.19
CA CYS B 70 1.05 20.80 -13.18
C CYS B 70 2.18 19.97 -12.61
C CYS B 70 2.19 19.97 -12.61
N LEU B 71 2.78 20.44 -11.51
CA LEU B 71 3.83 19.66 -10.84
C LEU B 71 3.26 18.36 -10.26
N ALA B 72 2.03 18.40 -9.78
CA ALA B 72 1.39 17.21 -9.22
C ALA B 72 1.13 16.14 -10.30
N PHE B 73 0.80 16.57 -11.51
CA PHE B 73 0.63 15.62 -12.61
C PHE B 73 1.93 14.86 -12.88
N LEU B 74 3.03 15.60 -12.93
CA LEU B 74 4.35 15.01 -13.16
C LEU B 74 4.67 13.96 -12.08
N TYR B 75 4.47 14.36 -10.83
CA TYR B 75 4.65 13.47 -9.68
C TYR B 75 3.78 12.22 -9.83
N HIS B 76 2.54 12.41 -10.27
CA HIS B 76 1.60 11.29 -10.40
C HIS B 76 1.88 10.36 -11.58
N VAL B 77 2.72 10.78 -12.53
CA VAL B 77 3.25 9.88 -13.55
C VAL B 77 4.70 9.47 -13.24
N GLY B 78 5.10 9.62 -11.98
CA GLY B 78 6.40 9.13 -11.51
C GLY B 78 7.61 9.92 -11.98
N LEU B 79 7.44 11.20 -12.26
CA LEU B 79 8.56 12.05 -12.63
C LEU B 79 8.83 13.04 -11.51
N TYR B 80 10.10 13.24 -11.19
CA TYR B 80 10.47 14.05 -10.05
C TYR B 80 11.37 15.21 -10.48
N PRO B 81 10.76 16.30 -10.96
CA PRO B 81 11.56 17.46 -11.31
C PRO B 81 12.20 18.13 -10.11
N ILE B 82 13.41 18.65 -10.30
CA ILE B 82 14.04 19.49 -9.31
C ILE B 82 13.47 20.89 -9.49
N VAL B 83 12.84 21.43 -8.45
CA VAL B 83 12.18 22.73 -8.51
C VAL B 83 12.92 23.78 -7.69
N LEU B 84 13.29 24.88 -8.34
CA LEU B 84 13.97 26.01 -7.69
C LEU B 84 13.13 27.25 -7.99
N HIS B 85 12.70 27.96 -6.94
CA HIS B 85 11.85 29.13 -7.11
C HIS B 85 12.51 30.40 -6.62
N GLY B 86 12.00 31.53 -7.11
CA GLY B 86 12.46 32.85 -6.70
C GLY B 86 11.47 33.47 -5.75
N THR B 87 11.65 34.78 -5.52
CA THR B 87 10.78 35.56 -4.65
C THR B 87 10.92 37.07 -4.82
N GLY B 88 11.54 37.51 -5.91
CA GLY B 88 11.85 38.93 -6.11
C GLY B 88 10.67 39.88 -6.00
N PRO B 89 9.57 39.56 -6.70
CA PRO B 89 8.42 40.46 -6.68
C PRO B 89 7.83 40.63 -5.28
N GLN B 90 7.82 39.55 -4.50
CA GLN B 90 7.30 39.62 -3.13
C GLN B 90 8.21 40.44 -2.24
N VAL B 91 9.53 40.32 -2.44
CA VAL B 91 10.50 41.14 -1.71
C VAL B 91 10.31 42.64 -2.04
N ASN B 92 10.17 42.95 -3.32
CA ASN B 92 9.90 44.32 -3.76
C ASN B 92 8.64 44.89 -3.11
N GLY B 93 7.56 44.10 -3.08
CA GLY B 93 6.32 44.53 -2.45
C GLY B 93 6.48 44.80 -0.96
N ARG B 94 7.22 43.93 -0.28
CA ARG B 94 7.45 44.05 1.17
C ARG B 94 8.30 45.28 1.50
N LEU B 95 9.38 45.47 0.75
CA LEU B 95 10.23 46.64 0.92
C LEU B 95 9.42 47.92 0.67
N GLU B 96 8.63 47.93 -0.40
CA GLU B 96 7.78 49.08 -0.71
C GLU B 96 6.73 49.33 0.38
N ALA B 97 6.23 48.26 0.99
CA ALA B 97 5.26 48.36 2.07
C ALA B 97 5.81 49.06 3.31
N GLN B 98 7.13 48.98 3.52
CA GLN B 98 7.77 49.71 4.62
C GLN B 98 8.55 50.94 4.17
N GLY B 99 8.19 51.47 3.01
CA GLY B 99 8.74 52.73 2.50
C GLY B 99 10.19 52.66 2.01
N ILE B 100 10.62 51.48 1.55
CA ILE B 100 11.98 51.29 1.06
C ILE B 100 11.95 50.98 -0.43
N GLU B 101 12.69 51.75 -1.22
CA GLU B 101 12.77 51.52 -2.66
C GLU B 101 13.73 50.36 -2.96
N PRO B 102 13.27 49.38 -3.76
CA PRO B 102 14.17 48.31 -4.21
C PRO B 102 15.43 48.87 -4.88
N ASP B 103 16.57 48.22 -4.62
CA ASP B 103 17.86 48.68 -5.12
C ASP B 103 18.57 47.56 -5.86
N TYR B 104 18.72 47.75 -7.18
CA TYR B 104 19.41 46.80 -8.05
C TYR B 104 20.58 47.48 -8.75
N ILE B 105 21.61 46.69 -9.07
CA ILE B 105 22.59 47.06 -10.10
C ILE B 105 22.79 45.89 -11.05
N ASP B 106 22.67 46.15 -12.36
CA ASP B 106 22.84 45.11 -13.39
C ASP B 106 21.95 43.88 -13.18
N GLY B 107 20.70 44.10 -12.76
CA GLY B 107 19.76 43.02 -12.54
C GLY B 107 19.93 42.25 -11.23
N ILE B 108 20.87 42.69 -10.40
CA ILE B 108 21.22 42.00 -9.15
C ILE B 108 20.84 42.88 -7.96
N ARG B 109 20.07 42.33 -7.02
CA ARG B 109 19.65 43.11 -5.85
C ARG B 109 20.81 43.40 -4.91
N ILE B 110 21.01 44.69 -4.64
CA ILE B 110 21.95 45.12 -3.59
C ILE B 110 21.29 44.76 -2.27
N THR B 111 21.97 43.95 -1.47
CA THR B 111 21.34 43.32 -0.32
C THR B 111 22.07 43.60 0.99
N ASP B 112 21.67 44.68 1.66
CA ASP B 112 22.20 45.01 2.98
C ASP B 112 21.55 44.10 4.03
N GLU B 113 21.95 44.27 5.29
CA GLU B 113 21.52 43.38 6.36
C GLU B 113 20.00 43.32 6.49
N HIS B 114 19.34 44.48 6.48
CA HIS B 114 17.90 44.52 6.65
C HIS B 114 17.19 43.92 5.43
N THR B 115 17.69 44.21 4.24
CA THR B 115 17.14 43.63 3.01
C THR B 115 17.26 42.10 2.99
N MET B 116 18.39 41.60 3.48
CA MET B 116 18.59 40.15 3.58
C MET B 116 17.54 39.52 4.48
N ALA B 117 17.23 40.17 5.60
CA ALA B 117 16.19 39.70 6.51
C ALA B 117 14.84 39.63 5.82
N VAL B 118 14.55 40.60 4.96
CA VAL B 118 13.31 40.61 4.19
C VAL B 118 13.35 39.49 3.13
N VAL B 119 14.47 39.34 2.44
CA VAL B 119 14.66 38.27 1.46
C VAL B 119 14.48 36.87 2.09
N ARG B 120 15.10 36.65 3.24
CA ARG B 120 14.98 35.36 3.96
C ARG B 120 13.53 35.03 4.29
N LYS B 121 12.82 35.99 4.88
CA LYS B 121 11.43 35.78 5.28
C LYS B 121 10.54 35.53 4.06
N CYS B 122 10.71 36.32 3.01
CA CYS B 122 9.95 36.09 1.78
C CYS B 122 10.25 34.72 1.16
N PHE B 123 11.53 34.35 1.09
CA PHE B 123 11.91 33.06 0.51
C PHE B 123 11.24 31.90 1.25
N LEU B 124 11.26 31.97 2.59
CA LEU B 124 10.66 30.92 3.42
C LEU B 124 9.15 30.85 3.22
N GLU B 125 8.51 32.03 3.12
CA GLU B 125 7.06 32.10 2.92
C GLU B 125 6.66 31.52 1.55
N GLN B 126 7.34 31.96 0.49
CA GLN B 126 7.09 31.42 -0.86
C GLN B 126 7.34 29.92 -0.93
N ASN B 127 8.42 29.49 -0.27
CA ASN B 127 8.80 28.09 -0.29
C ASN B 127 7.75 27.22 0.36
N LEU B 128 7.30 27.61 1.55
CA LEU B 128 6.28 26.86 2.26
C LEU B 128 4.90 26.94 1.59
N LYS B 129 4.61 28.06 0.92
CA LYS B 129 3.38 28.16 0.12
C LYS B 129 3.34 27.09 -0.99
N LEU B 130 4.44 26.95 -1.71
CA LEU B 130 4.51 26.00 -2.82
C LEU B 130 4.50 24.55 -2.32
N VAL B 131 5.30 24.28 -1.29
CA VAL B 131 5.36 22.95 -0.71
C VAL B 131 3.99 22.51 -0.22
N THR B 132 3.32 23.41 0.51
CA THR B 132 2.02 23.12 1.08
C THR B 132 0.94 22.94 0.01
N ALA B 133 0.95 23.79 -1.03
CA ALA B 133 0.05 23.63 -2.17
C ALA B 133 0.18 22.24 -2.80
N LEU B 134 1.43 21.79 -2.94
CA LEU B 134 1.72 20.46 -3.44
C LEU B 134 1.21 19.35 -2.52
N GLU B 135 1.44 19.48 -1.20
CA GLU B 135 0.97 18.45 -0.25
C GLU B 135 -0.55 18.33 -0.25
N GLN B 136 -1.25 19.45 -0.41
CA GLN B 136 -2.71 19.44 -0.48
C GLN B 136 -3.23 18.67 -1.70
N LEU B 137 -2.40 18.55 -2.73
CA LEU B 137 -2.76 17.80 -3.93
C LEU B 137 -2.25 16.34 -3.89
N GLY B 138 -1.78 15.90 -2.72
CA GLY B 138 -1.28 14.53 -2.54
C GLY B 138 0.16 14.33 -2.97
N VAL B 139 0.89 15.41 -3.17
CA VAL B 139 2.27 15.33 -3.60
C VAL B 139 3.20 15.49 -2.41
N ARG B 140 4.10 14.54 -2.22
CA ARG B 140 5.12 14.68 -1.19
C ARG B 140 6.15 15.70 -1.69
N ALA B 141 6.40 16.72 -0.88
CA ALA B 141 7.32 17.79 -1.24
C ALA B 141 8.23 18.10 -0.04
N ARG B 142 9.51 18.29 -0.33
CA ARG B 142 10.50 18.55 0.70
C ARG B 142 11.07 19.98 0.50
N PRO B 143 10.85 20.87 1.49
CA PRO B 143 11.50 22.17 1.46
C PRO B 143 12.99 22.00 1.61
N ILE B 144 13.78 22.64 0.76
CA ILE B 144 15.24 22.60 0.89
C ILE B 144 15.74 24.05 0.89
N THR B 145 16.10 24.54 2.07
CA THR B 145 16.34 25.96 2.32
C THR B 145 17.81 26.31 2.63
N SER B 146 18.66 25.29 2.77
CA SER B 146 20.08 25.48 2.96
C SER B 146 20.84 24.19 2.65
N GLY B 147 22.17 24.28 2.63
CA GLY B 147 23.01 23.11 2.48
C GLY B 147 23.21 22.63 1.05
N VAL B 148 22.77 23.42 0.07
CA VAL B 148 22.92 23.06 -1.34
C VAL B 148 23.97 23.94 -2.04
N PHE B 149 23.80 25.25 -1.93
CA PHE B 149 24.68 26.19 -2.60
C PHE B 149 25.73 26.76 -1.64
N THR B 150 26.99 26.60 -2.00
CA THR B 150 28.09 27.25 -1.30
C THR B 150 28.60 28.37 -2.19
N ALA B 151 28.82 29.55 -1.60
CA ALA B 151 29.19 30.74 -2.38
C ALA B 151 30.22 31.62 -1.67
N ASP B 152 30.96 32.40 -2.47
CA ASP B 152 31.77 33.50 -1.99
C ASP B 152 30.97 34.78 -2.20
N TYR B 153 31.46 35.89 -1.67
CA TYR B 153 30.88 37.19 -1.99
C TYR B 153 31.11 37.52 -3.47
N LEU B 154 30.05 37.94 -4.16
CA LEU B 154 30.18 38.34 -5.57
C LEU B 154 31.04 39.60 -5.68
N ASP B 155 30.66 40.64 -4.93
CA ASP B 155 31.40 41.90 -4.85
C ASP B 155 30.81 42.65 -3.66
N LYS B 156 31.45 42.49 -2.51
CA LYS B 156 30.88 42.92 -1.23
C LYS B 156 30.64 44.43 -1.17
N ASP B 157 31.60 45.21 -1.62
CA ASP B 157 31.46 46.68 -1.67
C ASP B 157 30.29 47.12 -2.56
N LYS B 158 30.04 46.39 -3.63
CA LYS B 158 29.02 46.77 -4.61
C LYS B 158 27.62 46.24 -4.28
N TYR B 159 27.50 44.93 -4.03
CA TYR B 159 26.19 44.30 -3.83
C TYR B 159 25.91 43.88 -2.38
N LYS B 160 26.91 43.94 -1.52
CA LYS B 160 26.79 43.54 -0.11
C LYS B 160 26.53 42.02 0.01
N LEU B 161 25.42 41.60 0.62
CA LEU B 161 25.21 40.17 0.92
C LEU B 161 24.65 39.39 -0.28
N VAL B 162 25.44 39.38 -1.35
CA VAL B 162 25.09 38.64 -2.57
C VAL B 162 26.22 37.68 -2.88
N GLY B 163 25.85 36.48 -3.31
CA GLY B 163 26.79 35.39 -3.47
C GLY B 163 27.16 35.10 -4.91
N ASN B 164 28.37 34.56 -5.06
CA ASN B 164 28.83 33.94 -6.30
C ASN B 164 28.98 32.46 -5.99
N ILE B 165 28.11 31.64 -6.57
CA ILE B 165 28.06 30.20 -6.24
C ILE B 165 29.29 29.46 -6.74
N LYS B 166 29.97 28.78 -5.83
CA LYS B 166 31.21 28.05 -6.14
C LYS B 166 31.00 26.55 -6.24
N SER B 167 29.98 26.02 -5.56
CA SER B 167 29.65 24.60 -5.63
C SER B 167 28.20 24.29 -5.26
N VAL B 168 27.73 23.16 -5.75
CA VAL B 168 26.42 22.63 -5.44
C VAL B 168 26.59 21.29 -4.74
N THR B 169 25.97 21.15 -3.57
CA THR B 169 25.94 19.88 -2.86
C THR B 169 24.67 19.15 -3.29
N LYS B 170 24.84 18.02 -3.96
CA LYS B 170 23.74 17.35 -4.63
C LYS B 170 22.91 16.44 -3.71
N GLU B 171 23.51 16.00 -2.60
CA GLU B 171 22.91 14.98 -1.73
C GLU B 171 21.47 15.27 -1.25
N PRO B 172 21.21 16.49 -0.74
CA PRO B 172 19.85 16.80 -0.29
C PRO B 172 18.79 16.61 -1.36
N ILE B 173 19.13 17.00 -2.59
CA ILE B 173 18.22 16.91 -3.71
C ILE B 173 18.03 15.44 -4.09
N GLU B 174 19.14 14.72 -4.20
CA GLU B 174 19.09 13.29 -4.55
C GLU B 174 18.37 12.45 -3.47
N ALA B 175 18.59 12.78 -2.20
CA ALA B 175 17.93 12.07 -1.11
C ALA B 175 16.43 12.32 -1.12
N SER B 176 16.02 13.55 -1.44
CA SER B 176 14.59 13.87 -1.57
C SER B 176 13.92 13.01 -2.65
N ILE B 177 14.50 13.02 -3.84
CA ILE B 177 13.95 12.26 -4.97
C ILE B 177 13.90 10.75 -4.65
N LYS B 178 14.96 10.22 -4.07
CA LYS B 178 15.00 8.80 -3.68
C LYS B 178 13.89 8.45 -2.66
N ALA B 179 13.51 9.41 -1.84
CA ALA B 179 12.45 9.24 -0.85
C ALA B 179 11.05 9.40 -1.45
N GLY B 180 10.97 9.78 -2.73
CA GLY B 180 9.71 10.01 -3.40
C GLY B 180 9.11 11.38 -3.14
N ALA B 181 9.96 12.38 -2.87
CA ALA B 181 9.50 13.74 -2.61
C ALA B 181 10.12 14.73 -3.61
N LEU B 182 9.31 15.62 -4.15
CA LEU B 182 9.80 16.70 -5.00
C LEU B 182 10.65 17.65 -4.14
N PRO B 183 11.92 17.88 -4.53
CA PRO B 183 12.74 18.84 -3.82
C PRO B 183 12.40 20.27 -4.25
N ILE B 184 11.99 21.10 -3.29
CA ILE B 184 11.59 22.48 -3.56
C ILE B 184 12.61 23.43 -2.92
N LEU B 185 13.43 24.05 -3.77
CA LEU B 185 14.59 24.83 -3.30
C LEU B 185 14.40 26.34 -3.43
N THR B 186 14.97 27.07 -2.46
CA THR B 186 15.20 28.50 -2.58
C THR B 186 16.56 28.69 -3.24
N SER B 187 16.88 29.91 -3.64
CA SER B 187 18.16 30.20 -4.28
C SER B 187 19.21 30.80 -3.35
N LEU B 188 18.94 30.84 -2.04
CA LEU B 188 19.93 31.37 -1.11
C LEU B 188 21.14 30.45 -1.04
N ALA B 189 22.31 31.05 -0.85
CA ALA B 189 23.55 30.30 -0.72
C ALA B 189 24.17 30.59 0.65
N GLU B 190 25.15 29.77 1.04
CA GLU B 190 25.90 29.99 2.27
C GLU B 190 27.39 30.06 1.96
N THR B 191 28.08 30.98 2.61
CA THR B 191 29.53 30.88 2.68
C THR B 191 29.85 29.65 3.52
N ALA B 192 31.08 29.16 3.38
CA ALA B 192 31.53 27.98 4.13
C ALA B 192 31.26 28.15 5.62
N SER B 193 31.56 29.33 6.15
CA SER B 193 31.37 29.65 7.58
C SER B 193 29.95 30.09 7.94
N GLY B 194 29.03 30.00 6.99
CA GLY B 194 27.59 30.09 7.29
C GLY B 194 26.89 31.43 7.16
N GLN B 195 27.47 32.39 6.46
CA GLN B 195 26.73 33.63 6.13
C GLN B 195 25.86 33.33 4.93
N MET B 196 24.55 33.51 5.09
CA MET B 196 23.63 33.37 3.98
C MET B 196 23.81 34.53 3.00
N LEU B 197 23.89 34.21 1.72
CA LEU B 197 24.07 35.21 0.67
C LEU B 197 22.96 35.10 -0.35
N ASN B 198 22.47 36.25 -0.79
CA ASN B 198 21.39 36.34 -1.76
C ASN B 198 21.93 36.00 -3.14
N VAL B 199 21.20 35.15 -3.87
CA VAL B 199 21.56 34.79 -5.24
C VAL B 199 20.29 34.83 -6.09
N ASN B 200 20.38 35.50 -7.23
CA ASN B 200 19.32 35.56 -8.22
C ASN B 200 18.91 34.14 -8.61
N ALA B 201 17.60 33.87 -8.60
CA ALA B 201 17.08 32.51 -8.84
C ALA B 201 17.42 31.96 -10.23
N ASP B 202 17.48 32.82 -11.24
CA ASP B 202 17.87 32.39 -12.58
C ASP B 202 19.29 31.80 -12.56
N VAL B 203 20.19 32.42 -11.81
CA VAL B 203 21.58 31.98 -11.74
C VAL B 203 21.67 30.66 -10.98
N ALA B 204 21.06 30.61 -9.80
CA ALA B 204 21.05 29.39 -8.99
C ALA B 204 20.48 28.17 -9.75
N ALA B 205 19.37 28.36 -10.45
CA ALA B 205 18.78 27.28 -11.25
C ALA B 205 19.74 26.82 -12.36
N GLY B 206 20.48 27.76 -12.92
CA GLY B 206 21.52 27.46 -13.89
C GLY B 206 22.65 26.63 -13.32
N GLU B 207 23.03 26.91 -12.08
CA GLU B 207 24.05 26.11 -11.38
C GLU B 207 23.56 24.68 -11.11
N LEU B 208 22.27 24.54 -10.81
CA LEU B 208 21.68 23.20 -10.66
C LEU B 208 21.70 22.45 -11.99
N ALA B 209 21.29 23.12 -13.06
CA ALA B 209 21.30 22.50 -14.39
C ALA B 209 22.70 22.04 -14.78
N ARG B 210 23.72 22.84 -14.47
CA ARG B 210 25.12 22.49 -14.78
C ARG B 210 25.57 21.17 -14.14
N VAL B 211 25.27 21.00 -12.86
CA VAL B 211 25.79 19.82 -12.13
C VAL B 211 24.91 18.59 -12.33
N PHE B 212 23.60 18.78 -12.52
CA PHE B 212 22.68 17.66 -12.71
C PHE B 212 22.49 17.23 -14.18
N GLU B 213 22.83 18.11 -15.12
CA GLU B 213 22.69 17.83 -16.57
C GLU B 213 21.35 17.17 -16.93
N PRO B 214 20.23 17.81 -16.57
CA PRO B 214 18.93 17.17 -16.76
C PRO B 214 18.51 17.12 -18.21
N LEU B 215 17.56 16.25 -18.55
CA LEU B 215 17.03 16.20 -19.91
C LEU B 215 16.43 17.55 -20.29
N LYS B 216 15.66 18.13 -19.37
CA LYS B 216 14.92 19.37 -19.64
C LYS B 216 15.34 20.48 -18.69
N ILE B 217 15.49 21.69 -19.23
CA ILE B 217 15.78 22.89 -18.43
C ILE B 217 14.72 23.91 -18.79
N VAL B 218 13.91 24.26 -17.79
CA VAL B 218 12.73 25.06 -18.01
C VAL B 218 12.73 26.24 -17.04
N TYR B 219 12.57 27.44 -17.59
CA TYR B 219 12.38 28.65 -16.79
C TYR B 219 10.93 29.09 -16.98
N LEU B 220 10.19 29.17 -15.88
CA LEU B 220 8.79 29.59 -15.92
C LEU B 220 8.67 31.08 -15.59
N ASN B 221 8.08 31.85 -16.49
CA ASN B 221 7.73 33.24 -16.19
C ASN B 221 6.35 33.57 -16.72
N GLU B 222 5.85 34.74 -16.34
CA GLU B 222 4.48 35.10 -16.71
C GLU B 222 4.32 35.51 -18.17
N LYS B 223 5.36 36.09 -18.76
CA LYS B 223 5.32 36.50 -20.18
C LYS B 223 5.41 35.32 -21.15
N GLY B 224 5.83 34.16 -20.66
CA GLY B 224 5.94 32.97 -21.48
C GLY B 224 7.07 33.07 -22.49
N GLY B 225 8.18 33.66 -22.06
CA GLY B 225 9.35 33.82 -22.92
C GLY B 225 9.99 35.20 -22.79
N ILE B 226 10.66 35.61 -23.86
CA ILE B 226 11.29 36.90 -23.93
C ILE B 226 10.71 37.62 -25.15
N ILE B 227 10.30 38.87 -24.96
CA ILE B 227 9.77 39.68 -26.04
C ILE B 227 10.87 40.56 -26.59
N ASN B 228 10.98 40.59 -27.92
CA ASN B 228 11.87 41.53 -28.61
C ASN B 228 11.27 42.93 -28.54
N GLY B 229 11.96 43.82 -27.83
CA GLY B 229 11.52 45.20 -27.64
C GLY B 229 11.41 46.04 -28.91
N SER B 230 12.23 45.76 -29.91
CA SER B 230 12.17 46.54 -31.16
C SER B 230 10.93 46.19 -31.98
N THR B 231 10.38 44.99 -31.80
CA THR B 231 9.25 44.52 -32.63
C THR B 231 7.97 44.24 -31.83
N GLY B 232 8.09 44.07 -30.52
CA GLY B 232 6.95 43.67 -29.69
C GLY B 232 6.52 42.23 -29.88
N GLU B 233 7.37 41.41 -30.51
CA GLU B 233 7.05 40.01 -30.83
C GLU B 233 7.86 39.08 -29.96
N LYS B 234 7.21 38.02 -29.46
CA LYS B 234 7.92 36.99 -28.72
C LYS B 234 9.02 36.35 -29.58
N ILE B 235 10.17 36.13 -28.97
CA ILE B 235 11.28 35.47 -29.65
C ILE B 235 11.07 33.97 -29.51
N SER B 236 10.96 33.27 -30.62
CA SER B 236 10.68 31.83 -30.56
C SER B 236 11.95 30.99 -30.32
N MET B 237 13.06 31.40 -30.95
CA MET B 237 14.32 30.66 -30.87
C MET B 237 15.53 31.60 -30.86
N ILE B 238 16.42 31.40 -29.88
CA ILE B 238 17.71 32.09 -29.85
C ILE B 238 18.81 31.06 -30.07
N ASN B 239 19.52 31.23 -31.19
CA ASN B 239 20.69 30.43 -31.51
C ASN B 239 21.94 31.21 -31.08
N LEU B 240 22.49 30.82 -29.92
CA LEU B 240 23.48 31.63 -29.20
C LEU B 240 24.80 31.85 -29.94
N ASP B 241 25.36 30.80 -30.52
CA ASP B 241 26.64 30.91 -31.24
C ASP B 241 26.57 32.00 -32.31
N GLU B 242 25.40 32.14 -32.94
CA GLU B 242 25.18 33.16 -33.97
C GLU B 242 24.75 34.52 -33.42
N GLU B 243 23.87 34.51 -32.42
CA GLU B 243 23.07 35.68 -32.06
C GLU B 243 23.40 36.33 -30.71
N TYR B 244 24.15 35.65 -29.86
CA TYR B 244 24.39 36.10 -28.48
C TYR B 244 25.05 37.48 -28.37
N ASP B 245 26.19 37.66 -29.02
CA ASP B 245 26.91 38.92 -28.95
C ASP B 245 26.04 40.07 -29.44
N ASP B 246 25.39 39.88 -30.59
CA ASP B 246 24.50 40.88 -31.15
C ASP B 246 23.32 41.15 -30.23
N LEU B 247 22.70 40.09 -29.72
CA LEU B 247 21.56 40.23 -28.83
C LEU B 247 21.89 41.07 -27.59
N MET B 248 23.02 40.76 -26.95
CA MET B 248 23.41 41.45 -25.72
C MET B 248 23.78 42.93 -25.93
N LYS B 249 24.02 43.32 -27.17
CA LYS B 249 24.26 44.73 -27.51
C LYS B 249 22.96 45.54 -27.64
N GLN B 250 21.81 44.87 -27.80
CA GLN B 250 20.55 45.57 -28.07
C GLN B 250 20.09 46.32 -26.83
N SER B 251 19.72 47.59 -27.00
CA SER B 251 19.42 48.46 -25.86
C SER B 251 18.07 48.18 -25.19
N TRP B 252 17.23 47.36 -25.82
CA TRP B 252 15.97 46.93 -25.19
C TRP B 252 16.18 45.81 -24.17
N VAL B 253 17.32 45.13 -24.23
CA VAL B 253 17.57 43.97 -23.37
C VAL B 253 17.74 44.41 -21.92
N LYS B 254 16.67 44.22 -21.13
CA LYS B 254 16.61 44.65 -19.74
C LYS B 254 17.64 43.97 -18.83
N TYR B 255 18.14 44.73 -17.87
CA TYR B 255 18.93 44.24 -16.73
C TYR B 255 18.69 42.77 -16.36
N GLY B 256 17.46 42.45 -15.96
CA GLY B 256 17.10 41.11 -15.52
C GLY B 256 17.18 40.09 -16.64
N THR B 257 16.71 40.49 -17.82
CA THR B 257 16.74 39.63 -19.01
C THR B 257 18.18 39.35 -19.44
N LYS B 258 19.01 40.38 -19.38
CA LYS B 258 20.43 40.26 -19.72
C LYS B 258 21.11 39.22 -18.83
N LEU B 259 20.91 39.35 -17.52
CA LEU B 259 21.45 38.41 -16.53
C LEU B 259 21.03 36.96 -16.82
N LYS B 260 19.76 36.78 -17.15
CA LYS B 260 19.19 35.47 -17.45
C LYS B 260 19.80 34.88 -18.73
N ILE B 261 19.87 35.69 -19.79
CA ILE B 261 20.44 35.24 -21.06
C ILE B 261 21.92 34.87 -20.91
N ARG B 262 22.67 35.63 -20.10
CA ARG B 262 24.08 35.33 -19.87
C ARG B 262 24.26 34.02 -19.09
N GLU B 263 23.45 33.83 -18.05
CA GLU B 263 23.52 32.58 -17.29
C GLU B 263 23.26 31.38 -18.18
N ILE B 264 22.20 31.48 -18.98
CA ILE B 264 21.82 30.42 -19.90
C ILE B 264 22.92 30.15 -20.94
N LYS B 265 23.50 31.22 -21.49
CA LYS B 265 24.62 31.08 -22.43
C LYS B 265 25.78 30.33 -21.78
N GLU B 266 26.19 30.76 -20.60
CA GLU B 266 27.30 30.13 -19.88
C GLU B 266 26.97 28.69 -19.50
N LEU B 267 25.74 28.44 -19.11
CA LEU B 267 25.25 27.08 -18.83
C LEU B 267 25.36 26.17 -20.06
N LEU B 268 24.92 26.68 -21.22
CA LEU B 268 24.91 25.90 -22.45
C LEU B 268 26.30 25.68 -23.05
N ASP B 269 27.27 26.51 -22.67
CA ASP B 269 28.67 26.25 -23.02
C ASP B 269 29.20 24.96 -22.38
N TYR B 270 28.64 24.61 -21.23
CA TYR B 270 29.07 23.40 -20.53
C TYR B 270 28.31 22.14 -21.00
N LEU B 271 27.02 22.28 -21.28
CA LEU B 271 26.19 21.13 -21.65
C LEU B 271 26.40 20.75 -23.11
N PRO B 272 26.04 19.50 -23.48
CA PRO B 272 26.13 19.12 -24.90
C PRO B 272 25.14 19.91 -25.76
N ARG B 273 25.37 19.92 -27.06
CA ARG B 273 24.56 20.71 -27.99
C ARG B 273 23.11 20.23 -28.11
N SER B 274 22.86 18.98 -27.73
CA SER B 274 21.50 18.46 -27.69
C SER B 274 20.64 19.15 -26.61
N SER B 275 21.28 19.77 -25.62
CA SER B 275 20.55 20.48 -24.57
C SER B 275 20.02 21.83 -25.05
N SER B 276 19.01 22.32 -24.35
CA SER B 276 18.45 23.64 -24.59
C SER B 276 17.75 24.14 -23.33
N VAL B 277 17.35 25.40 -23.34
CA VAL B 277 16.59 25.99 -22.24
C VAL B 277 15.30 26.58 -22.81
N ALA B 278 14.19 26.28 -22.13
CA ALA B 278 12.89 26.81 -22.50
C ALA B 278 12.43 27.84 -21.48
N ILE B 279 12.12 29.04 -21.95
CA ILE B 279 11.50 30.05 -21.11
C ILE B 279 10.03 30.10 -21.53
N ILE B 280 9.17 29.62 -20.65
CA ILE B 280 7.77 29.40 -21.00
C ILE B 280 6.85 29.78 -19.84
N ASN B 281 5.55 29.75 -20.12
CA ASN B 281 4.51 29.90 -19.11
C ASN B 281 4.12 28.51 -18.61
N VAL B 282 3.55 28.45 -17.41
CA VAL B 282 3.11 27.19 -16.82
C VAL B 282 2.16 26.39 -17.72
N GLN B 283 1.30 27.07 -18.48
CA GLN B 283 0.36 26.40 -19.37
C GLN B 283 1.06 25.56 -20.46
N ASP B 284 2.33 25.87 -20.75
CA ASP B 284 3.09 25.10 -21.74
C ASP B 284 4.08 24.10 -21.12
N LEU B 285 4.03 23.92 -19.81
CA LEU B 285 5.00 23.07 -19.13
C LEU B 285 4.97 21.60 -19.58
N GLN B 286 3.79 21.00 -19.64
N GLN B 286 3.78 21.00 -19.64
CA GLN B 286 3.68 19.59 -20.01
CA GLN B 286 3.65 19.60 -20.02
C GLN B 286 4.13 19.36 -21.46
C GLN B 286 4.14 19.37 -21.45
N LYS B 287 3.70 20.21 -22.38
CA LYS B 287 4.13 20.13 -23.77
C LYS B 287 5.65 20.21 -23.89
N GLU B 288 6.24 21.14 -23.15
CA GLU B 288 7.69 21.33 -23.15
C GLU B 288 8.44 20.11 -22.60
N LEU B 289 7.87 19.47 -21.59
CA LEU B 289 8.53 18.33 -20.93
C LEU B 289 8.36 17.01 -21.68
N PHE B 290 7.19 16.79 -22.26
CA PHE B 290 6.88 15.51 -22.91
C PHE B 290 7.21 15.43 -24.39
N THR B 291 7.36 16.59 -25.03
CA THR B 291 7.63 16.65 -26.47
C THR B 291 8.84 17.52 -26.75
N ASP B 292 9.37 17.39 -27.95
CA ASP B 292 10.48 18.24 -28.37
C ASP B 292 9.99 19.37 -29.27
N SER B 293 8.71 19.71 -29.10
CA SER B 293 8.12 20.90 -29.69
C SER B 293 8.26 22.03 -28.68
N GLY B 294 9.21 22.92 -28.92
CA GLY B 294 9.43 24.04 -28.02
C GLY B 294 8.20 24.92 -27.97
N ALA B 295 8.07 25.66 -26.88
CA ALA B 295 7.05 26.69 -26.76
C ALA B 295 7.79 27.92 -26.24
N GLY B 296 7.08 29.04 -26.12
CA GLY B 296 7.71 30.26 -25.60
C GLY B 296 9.01 30.62 -26.30
N THR B 297 10.05 30.89 -25.51
CA THR B 297 11.36 31.22 -26.07
C THR B 297 12.35 30.10 -25.78
N MET B 298 12.80 29.45 -26.85
CA MET B 298 13.77 28.37 -26.75
C MET B 298 15.17 28.94 -26.96
N ILE B 299 16.11 28.48 -26.14
CA ILE B 299 17.48 28.95 -26.24
C ILE B 299 18.41 27.75 -26.35
N ARG B 300 19.27 27.79 -27.35
CA ARG B 300 20.28 26.77 -27.54
C ARG B 300 21.54 27.35 -28.19
N ARG B 301 22.60 26.57 -28.18
CA ARG B 301 23.84 26.98 -28.82
C ARG B 301 23.69 27.07 -30.34
N GLY B 302 23.09 26.03 -30.92
CA GLY B 302 22.88 25.95 -32.36
C GLY B 302 24.14 25.49 -33.08
N GLY C 14 -12.71 1.23 -10.38
CA GLY C 14 -11.84 0.02 -10.49
C GLY C 14 -10.51 0.23 -11.19
N PHE C 15 -10.37 1.33 -11.93
CA PHE C 15 -9.13 1.64 -12.68
C PHE C 15 -8.02 2.01 -11.69
N SER C 16 -6.90 1.28 -11.75
CA SER C 16 -5.74 1.61 -10.92
C SER C 16 -4.47 1.08 -11.57
N ALA C 17 -3.79 1.94 -12.32
CA ALA C 17 -2.66 1.52 -13.12
C ALA C 17 -1.39 1.40 -12.28
N THR C 18 -0.77 0.22 -12.31
CA THR C 18 0.54 0.00 -11.73
C THR C 18 1.60 0.50 -12.72
N ARG C 19 2.87 0.47 -12.33
CA ARG C 19 3.96 0.81 -13.26
C ARG C 19 3.87 -0.04 -14.53
N SER C 20 3.60 -1.33 -14.33
CA SER C 20 3.44 -2.28 -15.43
C SER C 20 2.30 -1.89 -16.37
N THR C 21 1.15 -1.52 -15.79
CA THR C 21 0.00 -1.10 -16.58
C THR C 21 0.34 0.10 -17.45
N VAL C 22 0.98 1.11 -16.86
CA VAL C 22 1.36 2.32 -17.61
C VAL C 22 2.25 1.99 -18.81
N ILE C 23 3.22 1.10 -18.60
CA ILE C 23 4.15 0.70 -19.65
C ILE C 23 3.44 -0.03 -20.80
N GLN C 24 2.55 -0.97 -20.44
CA GLN C 24 1.75 -1.67 -21.44
C GLN C 24 0.84 -0.70 -22.22
N LEU C 25 0.23 0.26 -21.52
CA LEU C 25 -0.66 1.23 -22.20
C LEU C 25 0.07 2.08 -23.25
N LEU C 26 1.36 2.31 -23.05
CA LEU C 26 2.15 3.12 -23.99
C LEU C 26 2.69 2.31 -25.18
N ASN C 27 2.29 1.04 -25.31
CA ASN C 27 2.53 0.25 -26.53
C ASN C 27 1.69 0.76 -27.71
N ASN C 28 2.28 0.75 -28.91
CA ASN C 28 1.61 1.21 -30.12
C ASN C 28 0.94 2.58 -29.95
N ILE C 29 1.76 3.58 -29.65
CA ILE C 29 1.25 4.91 -29.28
C ILE C 29 0.42 5.56 -30.40
N SER C 30 0.73 5.24 -31.65
CA SER C 30 -0.06 5.73 -32.79
C SER C 30 -1.55 5.32 -32.67
N THR C 31 -1.82 4.23 -31.94
CA THR C 31 -3.19 3.77 -31.70
C THR C 31 -3.78 4.24 -30.36
N LYS C 32 -3.16 5.23 -29.70
CA LYS C 32 -3.63 5.69 -28.39
C LYS C 32 -5.09 6.15 -28.37
N ARG C 33 -5.56 6.73 -29.46
CA ARG C 33 -6.98 7.11 -29.57
C ARG C 33 -7.86 5.88 -29.73
N GLU C 34 -7.33 4.86 -30.40
CA GLU C 34 -8.02 3.56 -30.47
C GLU C 34 -8.08 2.96 -29.06
N VAL C 35 -6.96 3.01 -28.34
CA VAL C 35 -6.88 2.47 -26.98
C VAL C 35 -7.90 3.12 -26.05
N GLU C 36 -7.93 4.44 -26.05
CA GLU C 36 -8.88 5.20 -25.21
C GLU C 36 -10.33 4.96 -25.60
N GLN C 37 -10.58 4.82 -26.90
CA GLN C 37 -11.93 4.54 -27.39
C GLN C 37 -12.39 3.13 -26.99
N TYR C 38 -11.51 2.14 -27.11
CA TYR C 38 -11.85 0.76 -26.75
C TYR C 38 -11.95 0.57 -25.22
N LEU C 39 -11.10 1.24 -24.45
CA LEU C 39 -11.25 1.27 -23.00
C LEU C 39 -12.62 1.87 -22.63
N LYS C 40 -12.90 3.06 -23.16
CA LYS C 40 -14.18 3.74 -22.94
C LYS C 40 -15.37 2.84 -23.28
N TYR C 41 -15.29 2.15 -24.43
CA TYR C 41 -16.37 1.26 -24.88
C TYR C 41 -16.55 0.07 -23.94
N PHE C 42 -15.46 -0.65 -23.66
CA PHE C 42 -15.54 -1.82 -22.77
C PHE C 42 -16.01 -1.45 -21.36
N THR C 43 -15.71 -0.22 -20.95
CA THR C 43 -16.10 0.31 -19.63
C THR C 43 -17.56 0.79 -19.57
N SER C 44 -18.16 1.12 -20.71
CA SER C 44 -19.51 1.68 -20.76
C SER C 44 -20.61 0.67 -20.39
N VAL C 45 -20.37 -0.60 -20.64
CA VAL C 45 -21.32 -1.64 -20.25
C VAL C 45 -21.02 -2.12 -18.83
N SER C 46 -21.98 -2.82 -18.23
CA SER C 46 -21.80 -3.32 -16.86
C SER C 46 -20.56 -4.20 -16.77
N GLN C 47 -20.02 -4.29 -15.55
CA GLN C 47 -18.74 -4.96 -15.33
C GLN C 47 -18.77 -6.43 -15.72
N GLN C 48 -19.95 -7.06 -15.66
CA GLN C 48 -20.12 -8.46 -16.04
C GLN C 48 -20.44 -8.71 -17.51
N GLN C 49 -20.44 -7.65 -18.33
CA GLN C 49 -20.77 -7.76 -19.76
C GLN C 49 -19.65 -7.26 -20.67
N PHE C 50 -18.44 -7.19 -20.15
CA PHE C 50 -17.27 -6.88 -20.95
C PHE C 50 -16.83 -8.11 -21.77
N ALA C 51 -16.44 -9.18 -21.08
CA ALA C 51 -15.85 -10.33 -21.77
C ALA C 51 -15.99 -11.63 -21.02
N VAL C 52 -16.17 -12.70 -21.80
CA VAL C 52 -15.89 -14.05 -21.36
C VAL C 52 -14.57 -14.44 -22.02
N ILE C 53 -13.61 -14.87 -21.21
CA ILE C 53 -12.30 -15.27 -21.72
C ILE C 53 -12.07 -16.75 -21.45
N LYS C 54 -11.98 -17.54 -22.53
CA LYS C 54 -11.72 -18.98 -22.42
C LYS C 54 -10.23 -19.25 -22.50
N VAL C 55 -9.72 -20.04 -21.56
CA VAL C 55 -8.29 -20.35 -21.48
C VAL C 55 -8.06 -21.84 -21.68
N GLY C 56 -7.29 -22.20 -22.69
CA GLY C 56 -6.91 -23.61 -22.88
C GLY C 56 -6.02 -24.07 -21.74
N GLY C 57 -6.22 -25.31 -21.31
CA GLY C 57 -5.44 -25.90 -20.21
C GLY C 57 -3.93 -25.75 -20.37
N ALA C 58 -3.45 -25.93 -21.60
CA ALA C 58 -2.01 -25.83 -21.90
C ALA C 58 -1.39 -24.51 -21.47
N ILE C 59 -2.16 -23.43 -21.56
CA ILE C 59 -1.65 -22.10 -21.24
C ILE C 59 -1.23 -22.03 -19.78
N ILE C 60 -1.98 -22.70 -18.90
CA ILE C 60 -1.70 -22.67 -17.47
C ILE C 60 -0.40 -23.42 -17.13
N SER C 61 -0.07 -24.45 -17.90
CA SER C 61 1.19 -25.19 -17.69
C SER C 61 2.37 -24.52 -18.38
N ASP C 62 2.16 -24.01 -19.59
CA ASP C 62 3.25 -23.53 -20.46
C ASP C 62 3.49 -22.02 -20.42
N ASN C 63 2.44 -21.26 -20.14
CA ASN C 63 2.46 -19.81 -20.31
C ASN C 63 1.73 -19.06 -19.19
N LEU C 64 1.95 -19.48 -17.95
CA LEU C 64 1.22 -18.92 -16.82
C LEU C 64 1.53 -17.45 -16.55
N HIS C 65 2.80 -17.07 -16.66
CA HIS C 65 3.17 -15.66 -16.44
C HIS C 65 2.46 -14.73 -17.43
N GLU C 66 2.42 -15.11 -18.71
N GLU C 66 2.42 -15.13 -18.70
CA GLU C 66 1.80 -14.27 -19.74
CA GLU C 66 1.83 -14.35 -19.77
C GLU C 66 0.29 -14.19 -19.53
C GLU C 66 0.32 -14.21 -19.53
N LEU C 67 -0.32 -15.33 -19.23
CA LEU C 67 -1.75 -15.38 -18.93
C LEU C 67 -2.10 -14.49 -17.74
N ALA C 68 -1.37 -14.66 -16.65
CA ALA C 68 -1.63 -13.87 -15.43
C ALA C 68 -1.42 -12.38 -15.68
N SER C 69 -0.38 -12.04 -16.44
N SER C 69 -0.38 -12.04 -16.44
CA SER C 69 -0.05 -10.64 -16.73
CA SER C 69 -0.03 -10.65 -16.75
C SER C 69 -1.10 -9.95 -17.59
C SER C 69 -1.11 -9.96 -17.59
N CYS C 70 -1.62 -10.65 -18.60
CA CYS C 70 -2.63 -10.07 -19.49
C CYS C 70 -3.96 -9.86 -18.76
N LEU C 71 -4.32 -10.78 -17.86
CA LEU C 71 -5.52 -10.63 -17.04
C LEU C 71 -5.36 -9.52 -16.00
N ALA C 72 -4.16 -9.40 -15.43
CA ALA C 72 -3.84 -8.31 -14.51
C ALA C 72 -3.92 -6.94 -15.20
N PHE C 73 -3.48 -6.88 -16.46
CA PHE C 73 -3.62 -5.66 -17.23
C PHE C 73 -5.08 -5.20 -17.32
N LEU C 74 -5.98 -6.12 -17.69
CA LEU C 74 -7.41 -5.82 -17.77
C LEU C 74 -7.99 -5.39 -16.42
N TYR C 75 -7.64 -6.14 -15.38
CA TYR C 75 -8.04 -5.83 -14.00
C TYR C 75 -7.61 -4.43 -13.60
N HIS C 76 -6.36 -4.08 -13.85
CA HIS C 76 -5.82 -2.78 -13.47
C HIS C 76 -6.41 -1.60 -14.25
N VAL C 77 -6.95 -1.83 -15.44
CA VAL C 77 -7.67 -0.77 -16.15
C VAL C 77 -9.18 -0.79 -15.89
N GLY C 78 -9.61 -1.56 -14.90
CA GLY C 78 -11.01 -1.52 -14.43
C GLY C 78 -11.95 -2.49 -15.13
N LEU C 79 -11.39 -3.48 -15.83
CA LEU C 79 -12.21 -4.46 -16.55
C LEU C 79 -12.19 -5.82 -15.85
N TYR C 80 -13.35 -6.47 -15.80
CA TYR C 80 -13.51 -7.73 -15.09
C TYR C 80 -13.94 -8.83 -16.04
N PRO C 81 -12.99 -9.40 -16.80
CA PRO C 81 -13.36 -10.52 -17.63
C PRO C 81 -13.80 -11.71 -16.78
N ILE C 82 -14.78 -12.46 -17.26
CA ILE C 82 -15.17 -13.73 -16.65
C ILE C 82 -14.23 -14.79 -17.23
N VAL C 83 -13.41 -15.41 -16.39
CA VAL C 83 -12.38 -16.35 -16.87
C VAL C 83 -12.83 -17.80 -16.70
N LEU C 84 -12.81 -18.54 -17.81
CA LEU C 84 -13.22 -19.95 -17.82
C LEU C 84 -12.07 -20.72 -18.45
N HIS C 85 -11.50 -21.68 -17.70
CA HIS C 85 -10.36 -22.45 -18.19
C HIS C 85 -10.62 -23.95 -18.27
N GLY C 86 -9.83 -24.62 -19.10
CA GLY C 86 -9.84 -26.08 -19.21
C GLY C 86 -8.65 -26.68 -18.50
N THR C 87 -8.38 -27.95 -18.82
CA THR C 87 -7.29 -28.70 -18.18
C THR C 87 -6.93 -29.98 -18.94
N GLY C 88 -7.23 -30.02 -20.24
CA GLY C 88 -7.17 -31.25 -21.03
C GLY C 88 -5.80 -31.91 -21.09
N PRO C 89 -4.76 -31.13 -21.45
CA PRO C 89 -3.42 -31.72 -21.58
C PRO C 89 -2.88 -32.30 -20.27
N GLN C 90 -3.16 -31.63 -19.15
CA GLN C 90 -2.76 -32.10 -17.84
C GLN C 90 -3.48 -33.40 -17.46
N VAL C 91 -4.75 -33.52 -17.81
CA VAL C 91 -5.48 -34.78 -17.59
C VAL C 91 -4.82 -35.92 -18.36
N ASN C 92 -4.51 -35.69 -19.62
CA ASN C 92 -3.85 -36.71 -20.44
C ASN C 92 -2.48 -37.10 -19.87
N GLY C 93 -1.77 -36.12 -19.32
CA GLY C 93 -0.53 -36.38 -18.59
C GLY C 93 -0.71 -37.32 -17.39
N ARG C 94 -1.72 -37.08 -16.58
CA ARG C 94 -2.01 -37.94 -15.40
C ARG C 94 -2.40 -39.33 -15.80
N LEU C 95 -3.32 -39.43 -16.76
CA LEU C 95 -3.76 -40.71 -17.29
C LEU C 95 -2.56 -41.50 -17.82
N GLU C 96 -1.70 -40.84 -18.61
CA GLU C 96 -0.52 -41.49 -19.18
C GLU C 96 0.45 -42.01 -18.13
N ALA C 97 0.70 -41.23 -17.08
CA ALA C 97 1.60 -41.64 -15.99
C ALA C 97 1.11 -42.95 -15.35
N GLN C 98 -0.22 -43.09 -15.27
CA GLN C 98 -0.88 -44.27 -14.71
C GLN C 98 -1.05 -45.41 -15.74
N GLY C 99 -0.60 -45.22 -16.97
CA GLY C 99 -0.69 -46.24 -18.00
C GLY C 99 -2.01 -46.27 -18.77
N ILE C 100 -2.75 -45.18 -18.75
CA ILE C 100 -4.08 -45.14 -19.37
C ILE C 100 -4.11 -44.17 -20.56
N GLU C 101 -4.63 -44.65 -21.68
CA GLU C 101 -4.80 -43.82 -22.86
C GLU C 101 -6.12 -43.07 -22.80
N PRO C 102 -6.10 -41.75 -23.08
CA PRO C 102 -7.36 -41.04 -23.16
C PRO C 102 -8.17 -41.46 -24.39
N ASP C 103 -9.46 -41.11 -24.39
CA ASP C 103 -10.35 -41.46 -25.48
C ASP C 103 -11.35 -40.34 -25.69
N TYR C 104 -11.45 -39.87 -26.93
CA TYR C 104 -12.36 -38.79 -27.32
C TYR C 104 -13.34 -39.29 -28.39
N ILE C 105 -14.53 -38.70 -28.45
CA ILE C 105 -15.43 -38.83 -29.62
C ILE C 105 -15.96 -37.44 -29.95
N ASP C 106 -15.90 -37.06 -31.22
CA ASP C 106 -16.31 -35.72 -31.67
C ASP C 106 -15.61 -34.61 -30.86
N GLY C 107 -14.35 -34.84 -30.48
CA GLY C 107 -13.59 -33.87 -29.69
C GLY C 107 -13.98 -33.78 -28.23
N ILE C 108 -14.79 -34.74 -27.76
CA ILE C 108 -15.32 -34.74 -26.39
C ILE C 108 -14.76 -35.95 -25.63
N ARG C 109 -14.23 -35.73 -24.43
CA ARG C 109 -13.58 -36.82 -23.69
C ARG C 109 -14.60 -37.79 -23.11
N ILE C 110 -14.45 -39.07 -23.43
CA ILE C 110 -15.23 -40.12 -22.78
C ILE C 110 -14.72 -40.22 -21.35
N THR C 111 -15.61 -40.02 -20.39
CA THR C 111 -15.21 -39.81 -19.01
C THR C 111 -15.89 -40.79 -18.06
N ASP C 112 -15.23 -41.92 -17.79
CA ASP C 112 -15.71 -42.87 -16.78
C ASP C 112 -15.37 -42.38 -15.37
N GLU C 113 -15.73 -43.17 -14.35
CA GLU C 113 -15.55 -42.77 -12.96
C GLU C 113 -14.10 -42.45 -12.58
N HIS C 114 -13.17 -43.32 -12.94
CA HIS C 114 -11.76 -43.07 -12.66
C HIS C 114 -11.26 -41.82 -13.38
N THR C 115 -11.67 -41.65 -14.64
CA THR C 115 -11.25 -40.48 -15.42
C THR C 115 -11.80 -39.19 -14.82
N MET C 116 -13.06 -39.23 -14.35
CA MET C 116 -13.66 -38.06 -13.68
C MET C 116 -12.87 -37.68 -12.42
N ALA C 117 -12.39 -38.67 -11.68
CA ALA C 117 -11.54 -38.39 -10.50
C ALA C 117 -10.29 -37.62 -10.91
N VAL C 118 -9.64 -38.06 -11.99
CA VAL C 118 -8.46 -37.38 -12.52
C VAL C 118 -8.82 -35.97 -13.03
N VAL C 119 -9.93 -35.86 -13.76
CA VAL C 119 -10.38 -34.56 -14.30
C VAL C 119 -10.63 -33.54 -13.17
N ARG C 120 -11.27 -34.00 -12.09
CA ARG C 120 -11.55 -33.15 -10.94
C ARG C 120 -10.28 -32.62 -10.32
N LYS C 121 -9.36 -33.54 -10.01
CA LYS C 121 -8.09 -33.17 -9.39
C LYS C 121 -7.35 -32.16 -10.27
N CYS C 122 -7.28 -32.45 -11.56
CA CYS C 122 -6.60 -31.57 -12.50
C CYS C 122 -7.25 -30.18 -12.59
N PHE C 123 -8.57 -30.14 -12.66
CA PHE C 123 -9.28 -28.87 -12.72
C PHE C 123 -8.95 -28.01 -11.51
N LEU C 124 -9.03 -28.62 -10.32
CA LEU C 124 -8.77 -27.89 -9.09
C LEU C 124 -7.33 -27.37 -9.04
N GLU C 125 -6.37 -28.18 -9.47
CA GLU C 125 -4.96 -27.77 -9.47
C GLU C 125 -4.70 -26.61 -10.44
N GLN C 126 -5.23 -26.70 -11.65
CA GLN C 126 -5.09 -25.64 -12.65
C GLN C 126 -5.75 -24.36 -12.19
N ASN C 127 -6.95 -24.50 -11.64
CA ASN C 127 -7.73 -23.39 -11.11
C ASN C 127 -6.94 -22.63 -10.04
N LEU C 128 -6.46 -23.36 -9.03
CA LEU C 128 -5.71 -22.74 -7.95
C LEU C 128 -4.38 -22.14 -8.42
N LYS C 129 -3.77 -22.75 -9.43
CA LYS C 129 -2.55 -22.21 -10.01
C LYS C 129 -2.74 -20.85 -10.66
N LEU C 130 -3.84 -20.70 -11.40
CA LEU C 130 -4.17 -19.44 -12.06
C LEU C 130 -4.54 -18.39 -11.02
N VAL C 131 -5.41 -18.78 -10.08
CA VAL C 131 -5.83 -17.89 -9.01
C VAL C 131 -4.61 -17.37 -8.24
N THR C 132 -3.72 -18.27 -7.86
CA THR C 132 -2.54 -17.92 -7.07
C THR C 132 -1.57 -17.03 -7.86
N ALA C 133 -1.40 -17.33 -9.16
CA ALA C 133 -0.56 -16.49 -10.01
C ALA C 133 -1.10 -15.06 -10.10
N LEU C 134 -2.43 -14.93 -10.19
CA LEU C 134 -3.05 -13.61 -10.18
C LEU C 134 -2.86 -12.91 -8.83
N GLU C 135 -3.09 -13.61 -7.73
CA GLU C 135 -2.94 -13.02 -6.38
C GLU C 135 -1.48 -12.56 -6.14
N GLN C 136 -0.53 -13.33 -6.66
CA GLN C 136 0.89 -12.95 -6.60
C GLN C 136 1.20 -11.65 -7.35
N LEU C 137 0.37 -11.30 -8.33
CA LEU C 137 0.50 -10.01 -9.02
C LEU C 137 -0.36 -8.92 -8.36
N GLY C 138 -0.96 -9.22 -7.22
CA GLY C 138 -1.81 -8.26 -6.51
C GLY C 138 -3.21 -8.16 -7.10
N VAL C 139 -3.62 -9.18 -7.85
CA VAL C 139 -4.94 -9.21 -8.44
C VAL C 139 -5.84 -10.15 -7.63
N ARG C 140 -6.93 -9.61 -7.11
CA ARG C 140 -7.90 -10.43 -6.40
C ARG C 140 -8.59 -11.39 -7.39
N ALA C 141 -8.59 -12.67 -7.03
CA ALA C 141 -9.23 -13.71 -7.83
C ALA C 141 -9.96 -14.69 -6.92
N ARG C 142 -11.13 -15.14 -7.36
CA ARG C 142 -11.92 -16.15 -6.66
C ARG C 142 -11.99 -17.43 -7.45
N PRO C 143 -11.58 -18.55 -6.84
CA PRO C 143 -11.82 -19.84 -7.47
C PRO C 143 -13.31 -20.18 -7.42
N ILE C 144 -13.94 -20.34 -8.58
CA ILE C 144 -15.32 -20.80 -8.63
C ILE C 144 -15.34 -22.17 -9.29
N THR C 145 -15.46 -23.21 -8.46
CA THR C 145 -15.26 -24.59 -8.89
C THR C 145 -16.55 -25.39 -8.99
N SER C 146 -17.65 -24.86 -8.45
CA SER C 146 -18.96 -25.50 -8.54
C SER C 146 -20.06 -24.49 -8.37
N GLY C 147 -21.29 -24.92 -8.67
CA GLY C 147 -22.49 -24.12 -8.43
C GLY C 147 -22.87 -23.18 -9.55
N VAL C 148 -22.16 -23.22 -10.68
CA VAL C 148 -22.46 -22.32 -11.79
C VAL C 148 -23.20 -23.05 -12.92
N PHE C 149 -22.62 -24.14 -13.40
CA PHE C 149 -23.21 -24.89 -14.52
C PHE C 149 -24.03 -26.06 -14.01
N THR C 150 -25.32 -26.08 -14.37
CA THR C 150 -26.18 -27.22 -14.11
C THR C 150 -26.44 -27.95 -15.43
N ALA C 151 -26.26 -29.26 -15.41
CA ALA C 151 -26.31 -30.08 -16.61
C ALA C 151 -27.13 -31.36 -16.42
N ASP C 152 -27.54 -31.96 -17.52
CA ASP C 152 -27.94 -33.37 -17.51
C ASP C 152 -26.92 -34.13 -18.35
N TYR C 153 -27.12 -35.43 -18.54
CA TYR C 153 -26.16 -36.22 -19.31
C TYR C 153 -26.26 -35.92 -20.81
N LEU C 154 -25.12 -35.63 -21.44
CA LEU C 154 -25.09 -35.44 -22.88
C LEU C 154 -25.52 -36.72 -23.59
N ASP C 155 -24.93 -37.84 -23.17
CA ASP C 155 -25.27 -39.17 -23.68
C ASP C 155 -24.49 -40.17 -22.84
N LYS C 156 -25.13 -40.70 -21.81
CA LYS C 156 -24.45 -41.52 -20.82
C LYS C 156 -23.78 -42.75 -21.43
N ASP C 157 -24.50 -43.45 -22.29
CA ASP C 157 -23.98 -44.66 -22.93
C ASP C 157 -22.72 -44.36 -23.74
N LYS C 158 -22.72 -43.20 -24.42
CA LYS C 158 -21.64 -42.83 -25.32
C LYS C 158 -20.46 -42.11 -24.63
N TYR C 159 -20.75 -41.06 -23.87
CA TYR C 159 -19.69 -40.26 -23.24
C TYR C 159 -19.48 -40.52 -21.75
N LYS C 160 -20.40 -41.24 -21.12
CA LYS C 160 -20.39 -41.49 -19.66
C LYS C 160 -20.57 -40.16 -18.89
N LEU C 161 -19.63 -39.78 -18.02
CA LEU C 161 -19.85 -38.62 -17.14
C LEU C 161 -19.51 -37.29 -17.82
N VAL C 162 -20.27 -36.97 -18.86
CA VAL C 162 -20.13 -35.73 -19.60
C VAL C 162 -21.47 -35.02 -19.64
N GLY C 163 -21.45 -33.71 -19.44
CA GLY C 163 -22.66 -32.94 -19.24
C GLY C 163 -23.10 -32.18 -20.48
N ASN C 164 -24.41 -31.95 -20.55
CA ASN C 164 -25.03 -31.02 -21.47
C ASN C 164 -25.64 -29.94 -20.59
N ILE C 165 -25.08 -28.73 -20.67
CA ILE C 165 -25.45 -27.64 -19.76
C ILE C 165 -26.88 -27.19 -20.06
N LYS C 166 -27.70 -27.12 -19.02
CA LYS C 166 -29.11 -26.75 -19.13
C LYS C 166 -29.43 -25.41 -18.47
N SER C 167 -28.65 -24.99 -17.50
CA SER C 167 -28.81 -23.66 -16.92
C SER C 167 -27.52 -23.17 -16.29
N VAL C 168 -27.42 -21.85 -16.15
CA VAL C 168 -26.26 -21.20 -15.56
C VAL C 168 -26.72 -20.39 -14.35
N THR C 169 -26.03 -20.53 -13.22
CA THR C 169 -26.31 -19.72 -12.04
C THR C 169 -25.30 -18.58 -12.03
N LYS C 170 -25.81 -17.36 -12.19
CA LYS C 170 -24.98 -16.18 -12.38
C LYS C 170 -24.39 -15.63 -11.09
N GLU C 171 -25.06 -15.91 -9.96
CA GLU C 171 -24.76 -15.24 -8.69
C GLU C 171 -23.28 -15.27 -8.24
N PRO C 172 -22.62 -16.43 -8.30
CA PRO C 172 -21.21 -16.48 -7.87
C PRO C 172 -20.29 -15.58 -8.69
N ILE C 173 -20.52 -15.52 -9.99
CA ILE C 173 -19.74 -14.65 -10.88
C ILE C 173 -20.02 -13.17 -10.58
N GLU C 174 -21.30 -12.81 -10.45
CA GLU C 174 -21.69 -11.43 -10.14
C GLU C 174 -21.14 -10.99 -8.78
N ALA C 175 -21.22 -11.85 -7.78
CA ALA C 175 -20.69 -11.55 -6.44
C ALA C 175 -19.19 -11.31 -6.46
N SER C 176 -18.47 -12.16 -7.18
CA SER C 176 -17.02 -12.00 -7.31
C SER C 176 -16.67 -10.62 -7.89
N ILE C 177 -17.31 -10.31 -9.02
CA ILE C 177 -17.04 -9.05 -9.72
C ILE C 177 -17.43 -7.85 -8.85
N LYS C 178 -18.59 -7.92 -8.21
CA LYS C 178 -19.02 -6.87 -7.29
C LYS C 178 -18.04 -6.67 -6.11
N ALA C 179 -17.42 -7.76 -5.65
CA ALA C 179 -16.43 -7.69 -4.57
C ALA C 179 -15.06 -7.21 -5.04
N GLY C 180 -14.87 -7.10 -6.35
CA GLY C 180 -13.61 -6.62 -6.94
C GLY C 180 -12.63 -7.74 -7.23
N ALA C 181 -13.12 -8.96 -7.44
CA ALA C 181 -12.25 -10.09 -7.73
C ALA C 181 -12.60 -10.70 -9.07
N LEU C 182 -11.59 -11.07 -9.86
CA LEU C 182 -11.83 -11.81 -11.10
C LEU C 182 -12.39 -13.20 -10.78
N PRO C 183 -13.51 -13.57 -11.42
CA PRO C 183 -14.02 -14.92 -11.25
C PRO C 183 -13.28 -15.89 -12.17
N ILE C 184 -12.69 -16.93 -11.58
CA ILE C 184 -11.92 -17.92 -12.31
C ILE C 184 -12.66 -19.26 -12.23
N LEU C 185 -13.29 -19.65 -13.32
CA LEU C 185 -14.18 -20.81 -13.34
C LEU C 185 -13.55 -22.03 -14.02
N THR C 186 -13.79 -23.20 -13.44
CA THR C 186 -13.59 -24.47 -14.14
C THR C 186 -14.80 -24.73 -15.03
N SER C 187 -14.65 -25.58 -16.04
CA SER C 187 -15.78 -25.88 -16.93
C SER C 187 -16.55 -27.12 -16.48
N LEU C 188 -16.35 -27.54 -15.24
CA LEU C 188 -17.04 -28.70 -14.68
C LEU C 188 -18.49 -28.34 -14.34
N ALA C 189 -19.44 -29.21 -14.67
CA ALA C 189 -20.84 -28.98 -14.36
C ALA C 189 -21.31 -30.00 -13.34
N GLU C 190 -22.49 -29.76 -12.78
CA GLU C 190 -23.13 -30.70 -11.87
C GLU C 190 -24.55 -30.93 -12.33
N THR C 191 -25.07 -32.15 -12.16
CA THR C 191 -26.52 -32.35 -12.21
C THR C 191 -27.10 -31.63 -11.00
N ALA C 192 -28.39 -31.33 -11.03
CA ALA C 192 -29.01 -30.64 -9.91
C ALA C 192 -28.77 -31.40 -8.60
N SER C 193 -28.82 -32.74 -8.67
CA SER C 193 -28.62 -33.59 -7.50
C SER C 193 -27.15 -33.84 -7.15
N GLY C 194 -26.23 -33.13 -7.80
CA GLY C 194 -24.83 -33.09 -7.39
C GLY C 194 -23.82 -34.03 -8.04
N GLN C 195 -24.19 -34.73 -9.12
CA GLN C 195 -23.20 -35.51 -9.87
C GLN C 195 -22.42 -34.58 -10.81
N MET C 196 -21.12 -34.45 -10.54
CA MET C 196 -20.28 -33.62 -11.40
C MET C 196 -20.15 -34.28 -12.76
N LEU C 197 -20.16 -33.45 -13.79
CA LEU C 197 -20.13 -33.90 -15.16
C LEU C 197 -19.13 -33.05 -15.94
N ASN C 198 -18.27 -33.74 -16.68
CA ASN C 198 -17.24 -33.10 -17.47
C ASN C 198 -17.85 -32.38 -18.67
N VAL C 199 -17.40 -31.15 -18.93
CA VAL C 199 -17.82 -30.39 -20.11
C VAL C 199 -16.60 -29.74 -20.74
N ASN C 200 -16.59 -29.73 -22.07
CA ASN C 200 -15.52 -29.10 -22.82
C ASN C 200 -15.51 -27.59 -22.54
N ALA C 201 -14.31 -27.05 -22.31
CA ALA C 201 -14.16 -25.64 -21.93
C ALA C 201 -14.73 -24.67 -22.97
N ASP C 202 -14.49 -24.95 -24.25
CA ASP C 202 -15.06 -24.13 -25.32
C ASP C 202 -16.59 -24.07 -25.19
N VAL C 203 -17.22 -25.21 -24.91
CA VAL C 203 -18.66 -25.29 -24.81
C VAL C 203 -19.18 -24.55 -23.56
N ALA C 204 -18.53 -24.75 -22.42
CA ALA C 204 -18.93 -24.05 -21.19
C ALA C 204 -18.80 -22.52 -21.34
N ALA C 205 -17.74 -22.06 -21.98
CA ALA C 205 -17.55 -20.63 -22.24
C ALA C 205 -18.72 -20.04 -23.04
N GLY C 206 -19.14 -20.74 -24.09
CA GLY C 206 -20.29 -20.33 -24.88
C GLY C 206 -21.56 -20.16 -24.06
N GLU C 207 -21.79 -21.08 -23.14
CA GLU C 207 -22.97 -21.04 -22.27
C GLU C 207 -22.95 -19.81 -21.36
N LEU C 208 -21.78 -19.49 -20.80
CA LEU C 208 -21.61 -18.26 -20.03
C LEU C 208 -21.94 -17.06 -20.91
N ALA C 209 -21.41 -17.07 -22.12
CA ALA C 209 -21.62 -15.97 -23.07
C ALA C 209 -23.09 -15.75 -23.39
N ARG C 210 -23.83 -16.84 -23.60
CA ARG C 210 -25.27 -16.76 -23.87
C ARG C 210 -26.03 -16.08 -22.75
N VAL C 211 -25.61 -16.32 -21.51
CA VAL C 211 -26.32 -15.81 -20.34
C VAL C 211 -25.87 -14.39 -19.96
N PHE C 212 -24.57 -14.10 -20.09
CA PHE C 212 -24.04 -12.79 -19.71
C PHE C 212 -24.06 -11.79 -20.86
N GLU C 213 -24.10 -12.29 -22.10
CA GLU C 213 -24.11 -11.46 -23.29
C GLU C 213 -22.98 -10.41 -23.25
N PRO C 214 -21.72 -10.86 -23.13
CA PRO C 214 -20.62 -9.90 -23.09
C PRO C 214 -20.37 -9.31 -24.47
N LEU C 215 -19.66 -8.18 -24.51
CA LEU C 215 -19.24 -7.59 -25.79
C LEU C 215 -18.26 -8.52 -26.50
N LYS C 216 -17.47 -9.26 -25.73
CA LYS C 216 -16.40 -10.08 -26.26
C LYS C 216 -16.37 -11.48 -25.69
N ILE C 217 -16.17 -12.46 -26.57
CA ILE C 217 -15.80 -13.80 -26.17
C ILE C 217 -14.44 -14.07 -26.79
N VAL C 218 -13.42 -14.26 -25.94
CA VAL C 218 -12.06 -14.47 -26.39
C VAL C 218 -11.60 -15.89 -26.07
N TYR C 219 -11.10 -16.60 -27.10
CA TYR C 219 -10.55 -17.94 -26.92
C TYR C 219 -9.02 -17.86 -27.02
N LEU C 220 -8.35 -18.09 -25.90
CA LEU C 220 -6.87 -18.02 -25.85
C LEU C 220 -6.26 -19.37 -26.15
N ASN C 221 -5.19 -19.36 -26.94
CA ASN C 221 -4.44 -20.56 -27.26
C ASN C 221 -2.93 -20.27 -27.33
N GLU C 222 -2.16 -21.23 -27.84
CA GLU C 222 -0.73 -21.06 -28.07
C GLU C 222 -0.37 -21.08 -29.56
N LYS C 223 -1.38 -21.21 -30.44
CA LYS C 223 -1.15 -21.34 -31.88
C LYS C 223 -1.43 -20.05 -32.68
N GLY C 224 -2.23 -19.14 -32.13
CA GLY C 224 -2.65 -17.94 -32.84
C GLY C 224 -4.05 -18.06 -33.43
N GLY C 225 -4.40 -17.16 -34.34
CA GLY C 225 -5.70 -17.19 -35.01
C GLY C 225 -5.80 -18.26 -36.08
N ILE C 226 -6.97 -18.35 -36.72
CA ILE C 226 -7.23 -19.35 -37.75
C ILE C 226 -6.49 -19.01 -39.05
N ILE C 227 -5.65 -19.93 -39.51
CA ILE C 227 -4.80 -19.73 -40.68
C ILE C 227 -5.41 -20.44 -41.89
N ASN C 228 -5.40 -19.74 -43.05
CA ASN C 228 -5.89 -20.33 -44.29
C ASN C 228 -4.84 -21.29 -44.85
N GLY C 229 -5.21 -22.57 -44.91
CA GLY C 229 -4.29 -23.62 -45.34
C GLY C 229 -3.78 -23.47 -46.77
N SER C 230 -4.69 -23.16 -47.69
CA SER C 230 -4.35 -23.08 -49.12
C SER C 230 -3.45 -21.89 -49.47
N THR C 231 -3.68 -20.75 -48.82
CA THR C 231 -2.91 -19.53 -49.08
C THR C 231 -1.84 -19.25 -48.01
N GLY C 232 -1.97 -19.90 -46.85
CA GLY C 232 -1.01 -19.73 -45.76
C GLY C 232 -1.22 -18.49 -44.90
N GLU C 233 -2.13 -17.61 -45.31
CA GLU C 233 -2.33 -16.32 -44.64
C GLU C 233 -3.24 -16.45 -43.42
N LYS C 234 -3.01 -15.57 -42.45
CA LYS C 234 -3.85 -15.48 -41.25
C LYS C 234 -5.18 -14.82 -41.60
N ILE C 235 -6.28 -15.40 -41.14
CA ILE C 235 -7.61 -14.82 -41.36
C ILE C 235 -7.90 -13.80 -40.26
N SER C 236 -7.94 -12.53 -40.66
CA SER C 236 -8.14 -11.42 -39.72
C SER C 236 -9.60 -11.31 -39.25
N MET C 237 -10.53 -11.47 -40.19
CA MET C 237 -11.96 -11.26 -39.93
C MET C 237 -12.86 -12.25 -40.66
N ILE C 238 -14.00 -12.56 -40.05
CA ILE C 238 -15.04 -13.40 -40.67
C ILE C 238 -16.43 -12.82 -40.39
N ASN C 239 -17.04 -12.22 -41.42
CA ASN C 239 -18.45 -11.82 -41.37
C ASN C 239 -19.29 -13.05 -41.70
N LEU C 240 -19.91 -13.62 -40.66
CA LEU C 240 -20.45 -14.98 -40.73
C LEU C 240 -21.74 -15.07 -41.55
N ASP C 241 -22.45 -13.95 -41.69
CA ASP C 241 -23.62 -13.89 -42.56
C ASP C 241 -23.24 -14.17 -44.00
N GLU C 242 -22.11 -13.61 -44.43
CA GLU C 242 -21.66 -13.69 -45.82
C GLU C 242 -20.81 -14.93 -46.11
N GLU C 243 -19.90 -15.25 -45.18
CA GLU C 243 -18.80 -16.18 -45.46
C GLU C 243 -19.00 -17.62 -44.98
N TYR C 244 -19.87 -17.83 -43.99
CA TYR C 244 -19.99 -19.15 -43.34
C TYR C 244 -20.21 -20.27 -44.35
N ASP C 245 -21.19 -20.09 -45.24
CA ASP C 245 -21.50 -21.08 -46.26
C ASP C 245 -20.27 -21.44 -47.08
N ASP C 246 -19.52 -20.44 -47.49
CA ASP C 246 -18.31 -20.64 -48.30
C ASP C 246 -17.18 -21.32 -47.52
N LEU C 247 -16.93 -20.86 -46.30
CA LEU C 247 -15.79 -21.32 -45.51
C LEU C 247 -15.86 -22.80 -45.12
N MET C 248 -17.06 -23.28 -44.80
CA MET C 248 -17.27 -24.68 -44.43
C MET C 248 -17.11 -25.63 -45.62
N LYS C 249 -17.38 -25.14 -46.83
CA LYS C 249 -17.15 -25.92 -48.05
C LYS C 249 -15.66 -26.17 -48.28
N GLN C 250 -14.85 -25.15 -47.97
CA GLN C 250 -13.40 -25.20 -48.21
C GLN C 250 -12.79 -26.47 -47.63
N SER C 251 -12.05 -27.22 -48.45
CA SER C 251 -11.52 -28.52 -48.06
C SER C 251 -10.21 -28.46 -47.25
N TRP C 252 -9.66 -27.26 -47.06
CA TRP C 252 -8.44 -27.10 -46.26
C TRP C 252 -8.72 -27.17 -44.75
N VAL C 253 -9.90 -26.71 -44.32
CA VAL C 253 -10.25 -26.67 -42.90
C VAL C 253 -10.44 -28.07 -42.33
N LYS C 254 -9.81 -28.33 -41.17
CA LYS C 254 -9.84 -29.65 -40.53
C LYS C 254 -11.12 -29.86 -39.74
N TYR C 255 -11.27 -31.06 -39.17
CA TYR C 255 -12.45 -31.42 -38.38
C TYR C 255 -12.46 -30.69 -37.03
N GLY C 256 -11.30 -30.62 -36.40
CA GLY C 256 -11.14 -29.92 -35.12
C GLY C 256 -11.43 -28.42 -35.23
N THR C 257 -11.08 -27.84 -36.38
CA THR C 257 -11.39 -26.43 -36.66
C THR C 257 -12.86 -26.24 -37.07
N LYS C 258 -13.39 -27.23 -37.80
CA LYS C 258 -14.79 -27.20 -38.25
C LYS C 258 -15.79 -27.33 -37.09
N LEU C 259 -15.38 -28.02 -36.03
CA LEU C 259 -16.21 -28.20 -34.84
C LEU C 259 -16.32 -26.88 -34.05
N LYS C 260 -15.17 -26.26 -33.81
CA LYS C 260 -15.09 -24.97 -33.11
C LYS C 260 -15.89 -23.89 -33.83
N ILE C 261 -15.78 -23.84 -35.16
CA ILE C 261 -16.43 -22.78 -35.95
C ILE C 261 -17.96 -22.93 -35.99
N ARG C 262 -18.46 -24.16 -35.97
CA ARG C 262 -19.90 -24.40 -35.96
C ARG C 262 -20.54 -23.95 -34.63
N GLU C 263 -19.88 -24.22 -33.51
N GLU C 263 -19.85 -24.25 -33.52
CA GLU C 263 -20.41 -23.78 -32.22
CA GLU C 263 -20.25 -23.81 -32.18
C GLU C 263 -20.23 -22.28 -31.98
C GLU C 263 -20.26 -22.30 -32.05
N ILE C 264 -19.28 -21.64 -32.68
CA ILE C 264 -19.16 -20.19 -32.67
C ILE C 264 -20.28 -19.55 -33.51
N LYS C 265 -20.62 -20.17 -34.63
CA LYS C 265 -21.71 -19.69 -35.49
C LYS C 265 -23.04 -19.68 -34.73
N GLU C 266 -23.32 -20.77 -34.04
CA GLU C 266 -24.56 -20.93 -33.28
C GLU C 266 -24.64 -19.93 -32.11
N LEU C 267 -23.50 -19.63 -31.50
CA LEU C 267 -23.43 -18.64 -30.43
C LEU C 267 -23.77 -17.24 -30.92
N LEU C 268 -23.11 -16.83 -32.02
CA LEU C 268 -23.27 -15.49 -32.55
C LEU C 268 -24.62 -15.27 -33.22
N ASP C 269 -25.27 -16.34 -33.66
CA ASP C 269 -26.66 -16.28 -34.13
C ASP C 269 -27.59 -15.91 -32.98
N TYR C 270 -27.33 -16.48 -31.80
CA TYR C 270 -28.13 -16.19 -30.61
C TYR C 270 -27.84 -14.81 -30.01
N LEU C 271 -26.57 -14.43 -29.95
CA LEU C 271 -26.17 -13.15 -29.36
C LEU C 271 -26.46 -11.97 -30.28
N PRO C 272 -26.62 -10.77 -29.70
CA PRO C 272 -26.79 -9.57 -30.52
C PRO C 272 -25.51 -9.24 -31.31
N ARG C 273 -25.65 -8.41 -32.34
CA ARG C 273 -24.54 -8.12 -33.25
C ARG C 273 -23.40 -7.30 -32.63
N SER C 274 -23.64 -6.71 -31.46
CA SER C 274 -22.60 -5.99 -30.73
C SER C 274 -21.61 -6.96 -30.05
N SER C 275 -21.97 -8.23 -29.93
CA SER C 275 -21.05 -9.27 -29.44
C SER C 275 -20.17 -9.80 -30.58
N SER C 276 -18.93 -10.16 -30.25
CA SER C 276 -18.02 -10.75 -31.23
C SER C 276 -17.06 -11.73 -30.57
N VAL C 277 -16.48 -12.60 -31.39
CA VAL C 277 -15.52 -13.60 -30.93
C VAL C 277 -14.12 -13.28 -31.42
N ALA C 278 -13.11 -13.62 -30.62
CA ALA C 278 -11.71 -13.49 -31.00
C ALA C 278 -10.91 -14.72 -30.60
N ILE C 279 -10.20 -15.32 -31.56
CA ILE C 279 -9.31 -16.44 -31.31
C ILE C 279 -7.87 -15.97 -31.46
N ILE C 280 -7.10 -16.02 -30.38
CA ILE C 280 -5.78 -15.40 -30.35
C ILE C 280 -4.77 -16.14 -29.48
N ASN C 281 -3.49 -15.93 -29.77
CA ASN C 281 -2.42 -16.29 -28.86
C ASN C 281 -2.54 -15.43 -27.60
N VAL C 282 -2.35 -16.05 -26.44
CA VAL C 282 -2.45 -15.35 -25.16
C VAL C 282 -1.64 -14.05 -25.10
N GLN C 283 -0.46 -14.05 -25.73
CA GLN C 283 0.42 -12.88 -25.73
C GLN C 283 -0.05 -11.69 -26.59
N ASP C 284 -1.11 -11.90 -27.37
CA ASP C 284 -1.66 -10.85 -28.24
C ASP C 284 -3.00 -10.29 -27.72
N LEU C 285 -3.29 -10.50 -26.44
CA LEU C 285 -4.59 -10.10 -25.88
C LEU C 285 -4.83 -8.59 -25.99
N GLN C 286 -3.85 -7.80 -25.58
CA GLN C 286 -3.98 -6.34 -25.63
C GLN C 286 -4.11 -5.84 -27.07
N LYS C 287 -3.21 -6.29 -27.94
CA LYS C 287 -3.26 -5.90 -29.34
C LYS C 287 -4.61 -6.23 -29.98
N GLU C 288 -5.16 -7.40 -29.67
CA GLU C 288 -6.45 -7.81 -30.22
C GLU C 288 -7.58 -6.89 -29.77
N LEU C 289 -7.61 -6.59 -28.47
CA LEU C 289 -8.71 -5.84 -27.85
C LEU C 289 -8.63 -4.32 -27.98
N PHE C 290 -7.44 -3.75 -28.07
CA PHE C 290 -7.29 -2.29 -28.00
C PHE C 290 -6.71 -1.63 -29.27
N THR C 291 -6.72 -2.35 -30.39
CA THR C 291 -6.37 -1.76 -31.69
C THR C 291 -7.40 -2.15 -32.75
N ASP C 292 -7.48 -1.34 -33.81
CA ASP C 292 -8.48 -1.54 -34.87
C ASP C 292 -8.25 -2.82 -35.68
N SER C 293 -6.99 -3.10 -36.03
CA SER C 293 -6.69 -4.27 -36.87
C SER C 293 -6.54 -5.56 -36.06
N GLY C 294 -6.27 -5.44 -34.76
CA GLY C 294 -6.22 -6.60 -33.88
C GLY C 294 -5.00 -7.47 -34.08
N ALA C 295 -5.14 -8.76 -33.78
CA ALA C 295 -4.00 -9.69 -33.75
C ALA C 295 -4.29 -11.07 -34.33
N GLY C 296 -5.46 -11.61 -34.01
CA GLY C 296 -5.84 -12.95 -34.46
C GLY C 296 -7.06 -12.89 -35.36
N THR C 297 -7.98 -13.82 -35.16
CA THR C 297 -9.20 -13.91 -35.96
C THR C 297 -10.40 -13.41 -35.17
N MET C 298 -11.02 -12.34 -35.65
CA MET C 298 -12.30 -11.86 -35.12
C MET C 298 -13.44 -12.45 -35.95
N ILE C 299 -14.55 -12.77 -35.30
CA ILE C 299 -15.71 -13.37 -35.95
C ILE C 299 -16.99 -12.63 -35.52
N ARG C 300 -17.62 -11.96 -36.49
CA ARG C 300 -18.89 -11.26 -36.30
C ARG C 300 -19.99 -12.02 -37.02
N ARG C 301 -21.23 -11.76 -36.65
CA ARG C 301 -22.37 -12.40 -37.31
C ARG C 301 -22.63 -11.75 -38.67
N GLY D 14 0.80 -3.79 2.51
CA GLY D 14 1.12 -4.51 3.78
C GLY D 14 0.00 -4.39 4.81
N PHE D 15 0.10 -5.19 5.87
CA PHE D 15 -0.88 -5.13 6.96
C PHE D 15 -0.85 -3.78 7.65
N SER D 16 -2.03 -3.22 7.89
CA SER D 16 -2.18 -2.05 8.75
C SER D 16 -3.48 -2.18 9.54
N ALA D 17 -3.48 -1.61 10.73
CA ALA D 17 -4.65 -1.61 11.59
C ALA D 17 -4.98 -0.18 11.98
N THR D 18 -6.26 0.15 11.94
CA THR D 18 -6.74 1.46 12.34
C THR D 18 -6.71 1.61 13.86
N ARG D 19 -6.83 2.85 14.31
CA ARG D 19 -6.93 3.17 15.73
C ARG D 19 -8.04 2.37 16.40
N SER D 20 -9.22 2.34 15.77
CA SER D 20 -10.38 1.59 16.26
C SER D 20 -10.09 0.09 16.40
N THR D 21 -9.45 -0.49 15.39
CA THR D 21 -9.05 -1.90 15.47
C THR D 21 -8.12 -2.13 16.65
N VAL D 22 -7.10 -1.29 16.80
CA VAL D 22 -6.11 -1.47 17.86
C VAL D 22 -6.74 -1.30 19.26
N ILE D 23 -7.62 -0.33 19.40
CA ILE D 23 -8.37 -0.13 20.65
C ILE D 23 -9.19 -1.38 21.04
N GLN D 24 -9.89 -1.97 20.07
CA GLN D 24 -10.66 -3.20 20.33
C GLN D 24 -9.75 -4.39 20.69
N LEU D 25 -8.62 -4.51 20.02
CA LEU D 25 -7.60 -5.51 20.37
C LEU D 25 -7.17 -5.34 21.85
N LEU D 26 -6.79 -4.12 22.22
CA LEU D 26 -6.37 -3.83 23.59
C LEU D 26 -7.47 -4.14 24.61
N ASN D 27 -8.73 -3.96 24.22
CA ASN D 27 -9.88 -4.31 25.08
C ASN D 27 -10.10 -5.82 25.24
N ASN D 28 -9.41 -6.64 24.45
CA ASN D 28 -9.58 -8.10 24.49
C ASN D 28 -8.45 -8.87 25.19
N ILE D 29 -7.30 -8.22 25.37
CA ILE D 29 -6.13 -8.89 25.96
C ILE D 29 -5.57 -8.01 27.09
N SER D 30 -5.30 -8.63 28.23
CA SER D 30 -4.77 -7.90 29.39
C SER D 30 -3.87 -8.73 30.32
N THR D 31 -3.38 -9.87 29.84
CA THR D 31 -2.39 -10.66 30.57
C THR D 31 -1.26 -11.04 29.64
N LYS D 32 -0.16 -11.46 30.25
CA LYS D 32 1.04 -11.85 29.52
C LYS D 32 0.76 -13.05 28.63
N ARG D 33 0.06 -14.06 29.17
CA ARG D 33 -0.30 -15.24 28.39
C ARG D 33 -1.15 -14.86 27.18
N GLU D 34 -2.13 -14.00 27.39
CA GLU D 34 -3.04 -13.57 26.32
C GLU D 34 -2.32 -12.80 25.20
N VAL D 35 -1.40 -11.91 25.59
CA VAL D 35 -0.60 -11.19 24.62
C VAL D 35 0.29 -12.15 23.84
N GLU D 36 0.96 -13.04 24.57
CA GLU D 36 1.84 -14.05 23.96
C GLU D 36 1.09 -14.95 22.98
N GLN D 37 -0.11 -15.37 23.36
CA GLN D 37 -0.93 -16.20 22.48
C GLN D 37 -1.29 -15.43 21.20
N TYR D 38 -1.79 -14.21 21.36
CA TYR D 38 -2.12 -13.38 20.19
C TYR D 38 -0.93 -13.21 19.25
N LEU D 39 0.20 -12.77 19.79
CA LEU D 39 1.39 -12.54 18.97
C LEU D 39 1.88 -13.81 18.28
N LYS D 40 1.84 -14.94 18.97
CA LYS D 40 2.25 -16.22 18.38
C LYS D 40 1.50 -16.46 17.06
N TYR D 41 0.18 -16.29 17.08
CA TYR D 41 -0.63 -16.55 15.89
C TYR D 41 -0.66 -15.38 14.91
N PHE D 42 -0.57 -14.15 15.41
CA PHE D 42 -0.41 -12.97 14.56
C PHE D 42 0.84 -13.07 13.66
N THR D 43 1.97 -13.41 14.28
CA THR D 43 3.26 -13.48 13.57
C THR D 43 3.58 -14.88 13.03
N SER D 44 2.65 -15.82 13.20
CA SER D 44 2.90 -17.21 12.82
C SER D 44 3.14 -17.33 11.32
N VAL D 45 4.28 -17.90 10.95
CA VAL D 45 4.55 -18.24 9.55
C VAL D 45 3.76 -19.49 9.19
N SER D 46 3.41 -20.28 10.22
CA SER D 46 2.22 -21.15 10.22
C SER D 46 2.47 -22.68 10.40
N GLN D 47 1.74 -23.48 9.62
CA GLN D 47 1.35 -24.86 9.94
C GLN D 47 0.30 -24.87 11.06
N GLN D 48 0.67 -24.35 12.24
CA GLN D 48 -0.27 -24.25 13.35
C GLN D 48 -1.43 -23.29 13.05
N GLN D 49 -2.65 -23.82 13.07
CA GLN D 49 -3.83 -23.01 12.83
C GLN D 49 -4.37 -22.42 14.13
N PHE D 50 -4.91 -21.22 14.01
CA PHE D 50 -5.49 -20.53 15.14
C PHE D 50 -6.85 -21.10 15.53
N ALA D 51 -7.77 -21.24 14.57
CA ALA D 51 -9.14 -21.64 14.92
C ALA D 51 -9.94 -22.33 13.80
N VAL D 52 -10.77 -23.28 14.21
CA VAL D 52 -11.86 -23.77 13.36
C VAL D 52 -13.15 -23.32 14.02
N ILE D 53 -13.96 -22.58 13.27
CA ILE D 53 -15.21 -22.03 13.80
C ILE D 53 -16.36 -22.60 12.98
N LYS D 54 -17.21 -23.39 13.61
CA LYS D 54 -18.44 -23.89 12.98
C LYS D 54 -19.58 -22.92 13.26
N VAL D 55 -20.28 -22.51 12.20
CA VAL D 55 -21.35 -21.54 12.31
C VAL D 55 -22.69 -22.25 12.03
N GLY D 56 -23.57 -22.28 13.02
CA GLY D 56 -24.93 -22.80 12.80
C GLY D 56 -25.59 -22.03 11.67
N GLY D 57 -26.22 -22.75 10.74
CA GLY D 57 -26.90 -22.12 9.61
C GLY D 57 -27.84 -20.99 9.97
N ALA D 58 -28.60 -21.16 11.05
CA ALA D 58 -29.56 -20.12 11.48
C ALA D 58 -28.91 -18.75 11.71
N ILE D 59 -27.65 -18.74 12.15
CA ILE D 59 -26.97 -17.48 12.47
C ILE D 59 -26.84 -16.58 11.22
N ILE D 60 -26.69 -17.20 10.06
CA ILE D 60 -26.57 -16.46 8.80
C ILE D 60 -27.88 -15.74 8.46
N SER D 61 -29.02 -16.36 8.72
N SER D 61 -29.02 -16.37 8.73
CA SER D 61 -30.32 -15.70 8.53
CA SER D 61 -30.32 -15.73 8.54
C SER D 61 -30.66 -14.74 9.68
C SER D 61 -30.68 -14.77 9.68
N ASP D 62 -30.27 -15.11 10.90
CA ASP D 62 -30.77 -14.42 12.11
C ASP D 62 -29.89 -13.32 12.73
N ASN D 63 -28.58 -13.39 12.54
CA ASN D 63 -27.65 -12.52 13.25
C ASN D 63 -26.37 -12.28 12.42
N LEU D 64 -26.55 -12.01 11.13
CA LEU D 64 -25.43 -11.97 10.19
C LEU D 64 -24.48 -10.83 10.46
N HIS D 65 -25.02 -9.64 10.72
CA HIS D 65 -24.17 -8.47 10.91
C HIS D 65 -23.21 -8.64 12.09
N GLU D 66 -23.70 -9.19 13.20
CA GLU D 66 -22.83 -9.42 14.36
C GLU D 66 -21.81 -10.52 14.09
N LEU D 67 -22.22 -11.60 13.44
CA LEU D 67 -21.29 -12.66 13.04
C LEU D 67 -20.20 -12.09 12.14
N ALA D 68 -20.61 -11.38 11.10
CA ALA D 68 -19.67 -10.78 10.14
C ALA D 68 -18.74 -9.78 10.81
N SER D 69 -19.29 -8.94 11.69
N SER D 69 -19.30 -8.93 11.67
CA SER D 69 -18.51 -7.96 12.42
CA SER D 69 -18.51 -7.93 12.40
C SER D 69 -17.47 -8.58 13.35
C SER D 69 -17.43 -8.57 13.29
N CYS D 70 -17.84 -9.67 14.03
N CYS D 70 -17.81 -9.63 14.01
CA CYS D 70 -16.89 -10.37 14.88
CA CYS D 70 -16.84 -10.31 14.87
C CYS D 70 -15.75 -10.97 14.07
C CYS D 70 -15.73 -10.97 14.06
N LEU D 71 -16.09 -11.67 12.99
CA LEU D 71 -15.10 -12.29 12.12
C LEU D 71 -14.23 -11.22 11.45
N ALA D 72 -14.82 -10.08 11.12
CA ALA D 72 -14.07 -8.98 10.51
C ALA D 72 -13.03 -8.42 11.48
N PHE D 73 -13.37 -8.34 12.76
CA PHE D 73 -12.40 -7.89 13.75
C PHE D 73 -11.19 -8.83 13.80
N LEU D 74 -11.44 -10.13 13.87
CA LEU D 74 -10.38 -11.13 13.86
C LEU D 74 -9.45 -10.91 12.66
N TYR D 75 -10.06 -10.79 11.47
CA TYR D 75 -9.31 -10.51 10.25
C TYR D 75 -8.48 -9.22 10.36
N HIS D 76 -9.10 -8.17 10.89
CA HIS D 76 -8.40 -6.88 11.02
C HIS D 76 -7.25 -6.88 12.04
N VAL D 77 -7.20 -7.89 12.92
CA VAL D 77 -6.02 -8.08 13.77
C VAL D 77 -5.12 -9.21 13.26
N GLY D 78 -5.28 -9.58 11.99
CA GLY D 78 -4.37 -10.50 11.31
C GLY D 78 -4.54 -11.95 11.68
N LEU D 79 -5.75 -12.32 12.12
CA LEU D 79 -6.06 -13.70 12.45
C LEU D 79 -7.00 -14.28 11.39
N TYR D 80 -6.79 -15.55 11.07
CA TYR D 80 -7.46 -16.18 9.95
C TYR D 80 -8.13 -17.49 10.39
N PRO D 81 -9.28 -17.38 11.06
CA PRO D 81 -9.99 -18.60 11.44
C PRO D 81 -10.52 -19.32 10.19
N ILE D 82 -10.59 -20.64 10.28
CA ILE D 82 -11.20 -21.46 9.23
C ILE D 82 -12.66 -21.54 9.59
N VAL D 83 -13.52 -21.04 8.69
CA VAL D 83 -14.96 -20.96 8.96
C VAL D 83 -15.73 -21.98 8.13
N LEU D 84 -16.53 -22.80 8.81
CA LEU D 84 -17.41 -23.79 8.17
C LEU D 84 -18.81 -23.52 8.68
N HIS D 85 -19.77 -23.36 7.78
CA HIS D 85 -21.15 -23.09 8.18
C HIS D 85 -22.10 -24.17 7.72
N GLY D 86 -23.27 -24.19 8.35
CA GLY D 86 -24.35 -25.06 7.94
C GLY D 86 -25.43 -24.30 7.18
N THR D 87 -26.55 -24.96 6.97
CA THR D 87 -27.71 -24.38 6.30
C THR D 87 -29.03 -25.13 6.57
N GLY D 88 -29.04 -26.03 7.54
CA GLY D 88 -30.20 -26.88 7.81
C GLY D 88 -31.53 -26.15 7.95
N PRO D 89 -31.59 -25.11 8.80
CA PRO D 89 -32.86 -24.39 8.95
C PRO D 89 -33.39 -23.77 7.65
N GLN D 90 -32.49 -23.25 6.82
CA GLN D 90 -32.91 -22.66 5.55
C GLN D 90 -33.45 -23.72 4.58
N VAL D 91 -32.84 -24.91 4.60
CA VAL D 91 -33.32 -26.04 3.77
C VAL D 91 -34.73 -26.43 4.19
N ASN D 92 -34.95 -26.55 5.50
CA ASN D 92 -36.28 -26.89 6.02
C ASN D 92 -37.32 -25.86 5.60
N GLY D 93 -36.99 -24.57 5.75
CA GLY D 93 -37.88 -23.49 5.31
C GLY D 93 -38.20 -23.54 3.82
N ARG D 94 -37.20 -23.81 2.99
CA ARG D 94 -37.40 -23.88 1.53
C ARG D 94 -38.29 -25.07 1.14
N LEU D 95 -37.96 -26.24 1.66
CA LEU D 95 -38.77 -27.42 1.47
C LEU D 95 -40.21 -27.12 1.87
N GLU D 96 -40.40 -26.58 3.06
CA GLU D 96 -41.74 -26.26 3.55
C GLU D 96 -42.42 -25.22 2.65
N ALA D 97 -41.67 -24.23 2.18
CA ALA D 97 -42.22 -23.19 1.32
C ALA D 97 -42.81 -23.75 0.00
N GLN D 98 -42.17 -24.79 -0.54
CA GLN D 98 -42.65 -25.42 -1.76
C GLN D 98 -43.55 -26.65 -1.48
N GLY D 99 -44.00 -26.79 -0.25
CA GLY D 99 -44.97 -27.83 0.11
C GLY D 99 -44.41 -29.23 0.26
N ILE D 100 -43.15 -29.33 0.65
CA ILE D 100 -42.50 -30.61 0.90
C ILE D 100 -42.07 -30.71 2.36
N GLU D 101 -42.34 -31.85 2.98
CA GLU D 101 -42.05 -32.05 4.40
C GLU D 101 -40.59 -32.47 4.54
N PRO D 102 -39.83 -31.82 5.46
CA PRO D 102 -38.48 -32.30 5.71
C PRO D 102 -38.49 -33.75 6.21
N ASP D 103 -37.38 -34.45 6.02
CA ASP D 103 -37.32 -35.89 6.28
C ASP D 103 -35.96 -36.23 6.91
N TYR D 104 -36.00 -36.63 8.18
CA TYR D 104 -34.81 -36.97 8.97
C TYR D 104 -34.94 -38.37 9.57
N ILE D 105 -33.80 -39.04 9.76
CA ILE D 105 -33.72 -40.22 10.61
C ILE D 105 -32.48 -40.07 11.46
N ASP D 106 -32.63 -40.26 12.78
CA ASP D 106 -31.52 -40.13 13.73
C ASP D 106 -30.77 -38.81 13.59
N GLY D 107 -31.51 -37.73 13.34
CA GLY D 107 -30.93 -36.39 13.23
C GLY D 107 -30.19 -36.12 11.94
N ILE D 108 -30.22 -37.06 11.01
CA ILE D 108 -29.53 -36.94 9.72
C ILE D 108 -30.57 -36.80 8.62
N ARG D 109 -30.38 -35.83 7.74
CA ARG D 109 -31.37 -35.57 6.70
C ARG D 109 -31.32 -36.67 5.64
N ILE D 110 -32.47 -37.29 5.40
CA ILE D 110 -32.65 -38.16 4.26
C ILE D 110 -32.63 -37.24 3.04
N THR D 111 -31.66 -37.46 2.16
CA THR D 111 -31.39 -36.53 1.07
C THR D 111 -31.50 -37.21 -0.29
N ASP D 112 -32.71 -37.24 -0.83
CA ASP D 112 -32.93 -37.77 -2.18
C ASP D 112 -32.46 -36.72 -3.20
N GLU D 113 -32.68 -36.99 -4.48
N GLU D 113 -32.68 -37.01 -4.49
CA GLU D 113 -32.12 -36.14 -5.54
CA GLU D 113 -32.19 -36.19 -5.57
C GLU D 113 -32.66 -34.71 -5.53
C GLU D 113 -32.66 -34.73 -5.51
N HIS D 114 -33.97 -34.53 -5.32
CA HIS D 114 -34.53 -33.18 -5.26
C HIS D 114 -34.08 -32.45 -4.00
N THR D 115 -34.09 -33.16 -2.89
CA THR D 115 -33.66 -32.59 -1.63
C THR D 115 -32.21 -32.09 -1.72
N MET D 116 -31.38 -32.86 -2.41
CA MET D 116 -29.97 -32.49 -2.58
C MET D 116 -29.84 -31.20 -3.38
N ALA D 117 -30.67 -31.03 -4.42
CA ALA D 117 -30.70 -29.77 -5.16
C ALA D 117 -30.99 -28.60 -4.25
N VAL D 118 -31.97 -28.76 -3.36
CA VAL D 118 -32.32 -27.72 -2.40
C VAL D 118 -31.16 -27.46 -1.44
N VAL D 119 -30.56 -28.55 -0.94
CA VAL D 119 -29.40 -28.44 -0.04
C VAL D 119 -28.25 -27.69 -0.69
N ARG D 120 -27.93 -28.04 -1.93
CA ARG D 120 -26.86 -27.35 -2.66
C ARG D 120 -27.14 -25.86 -2.87
N LYS D 121 -28.36 -25.53 -3.30
CA LYS D 121 -28.76 -24.13 -3.53
C LYS D 121 -28.68 -23.32 -2.22
N CYS D 122 -29.25 -23.86 -1.16
CA CYS D 122 -29.21 -23.21 0.15
C CYS D 122 -27.77 -23.03 0.68
N PHE D 123 -26.96 -24.07 0.56
CA PHE D 123 -25.54 -23.97 0.96
C PHE D 123 -24.83 -22.85 0.23
N LEU D 124 -25.02 -22.78 -1.07
CA LEU D 124 -24.38 -21.75 -1.90
C LEU D 124 -24.89 -20.37 -1.49
N GLU D 125 -26.20 -20.25 -1.29
CA GLU D 125 -26.80 -18.98 -0.88
C GLU D 125 -26.29 -18.50 0.49
N GLN D 126 -26.27 -19.39 1.47
CA GLN D 126 -25.73 -19.06 2.80
C GLN D 126 -24.25 -18.71 2.73
N ASN D 127 -23.52 -19.47 1.93
CA ASN D 127 -22.10 -19.23 1.76
C ASN D 127 -21.84 -17.82 1.18
N LEU D 128 -22.52 -17.51 0.08
CA LEU D 128 -22.38 -16.18 -0.53
C LEU D 128 -22.89 -15.04 0.35
N LYS D 129 -23.96 -15.27 1.12
CA LYS D 129 -24.44 -14.28 2.09
C LYS D 129 -23.35 -13.93 3.11
N LEU D 130 -22.68 -14.94 3.66
CA LEU D 130 -21.63 -14.70 4.65
C LEU D 130 -20.40 -14.06 4.03
N VAL D 131 -19.99 -14.57 2.86
CA VAL D 131 -18.83 -14.02 2.17
C VAL D 131 -19.06 -12.55 1.83
N THR D 132 -20.26 -12.24 1.36
CA THR D 132 -20.57 -10.88 0.91
C THR D 132 -20.67 -9.92 2.09
N ALA D 133 -21.28 -10.36 3.20
CA ALA D 133 -21.30 -9.56 4.43
C ALA D 133 -19.87 -9.21 4.88
N LEU D 134 -18.96 -10.19 4.77
CA LEU D 134 -17.56 -9.96 5.12
C LEU D 134 -16.89 -8.95 4.18
N GLU D 135 -17.11 -9.09 2.87
CA GLU D 135 -16.52 -8.18 1.89
C GLU D 135 -16.98 -6.74 2.10
N GLN D 136 -18.26 -6.58 2.47
CA GLN D 136 -18.83 -5.26 2.74
C GLN D 136 -18.15 -4.57 3.93
N LEU D 137 -17.58 -5.36 4.84
CA LEU D 137 -16.86 -4.82 5.99
C LEU D 137 -15.35 -4.71 5.71
N GLY D 138 -14.95 -4.82 4.44
CA GLY D 138 -13.54 -4.76 4.06
C GLY D 138 -12.75 -6.04 4.34
N VAL D 139 -13.43 -7.17 4.49
CA VAL D 139 -12.75 -8.45 4.71
C VAL D 139 -12.72 -9.22 3.40
N ARG D 140 -11.52 -9.63 3.00
CA ARG D 140 -11.39 -10.53 1.87
C ARG D 140 -11.80 -11.92 2.31
N ALA D 141 -12.77 -12.48 1.61
CA ALA D 141 -13.31 -13.80 1.94
C ALA D 141 -13.47 -14.62 0.67
N ARG D 142 -13.11 -15.90 0.77
CA ARG D 142 -13.10 -16.80 -0.38
C ARG D 142 -14.11 -17.91 -0.13
N PRO D 143 -15.16 -18.00 -0.98
CA PRO D 143 -16.04 -19.16 -0.91
C PRO D 143 -15.27 -20.42 -1.25
N ILE D 144 -15.40 -21.44 -0.41
CA ILE D 144 -14.84 -22.75 -0.68
C ILE D 144 -15.96 -23.79 -0.64
N THR D 145 -16.49 -24.13 -1.81
CA THR D 145 -17.72 -24.92 -1.92
C THR D 145 -17.50 -26.38 -2.36
N SER D 146 -16.29 -26.72 -2.78
CA SER D 146 -15.94 -28.12 -3.06
C SER D 146 -14.43 -28.28 -3.01
N GLY D 147 -13.98 -29.52 -3.16
CA GLY D 147 -12.55 -29.84 -3.21
C GLY D 147 -11.86 -29.97 -1.87
N VAL D 148 -12.61 -29.97 -0.77
CA VAL D 148 -12.03 -30.11 0.55
C VAL D 148 -12.36 -31.49 1.14
N PHE D 149 -13.64 -31.85 1.18
CA PHE D 149 -14.06 -33.10 1.79
C PHE D 149 -14.27 -34.20 0.76
N THR D 150 -13.61 -35.33 0.98
CA THR D 150 -13.88 -36.56 0.22
C THR D 150 -14.66 -37.51 1.12
N ALA D 151 -15.67 -38.17 0.54
CA ALA D 151 -16.58 -39.01 1.32
C ALA D 151 -17.00 -40.27 0.58
N ASP D 152 -17.36 -41.29 1.34
CA ASP D 152 -18.14 -42.43 0.85
C ASP D 152 -19.59 -42.18 1.22
N TYR D 153 -20.49 -43.01 0.71
CA TYR D 153 -21.86 -43.04 1.17
C TYR D 153 -21.90 -43.50 2.63
N LEU D 154 -22.67 -42.81 3.45
CA LEU D 154 -22.84 -43.19 4.86
C LEU D 154 -23.66 -44.47 4.91
N ASP D 155 -24.86 -44.40 4.34
CA ASP D 155 -25.73 -45.55 4.15
C ASP D 155 -26.73 -45.21 3.06
N LYS D 156 -26.43 -45.63 1.83
CA LYS D 156 -27.19 -45.18 0.67
C LYS D 156 -28.68 -45.53 0.74
N ASP D 157 -28.99 -46.75 1.16
CA ASP D 157 -30.38 -47.20 1.25
C ASP D 157 -31.19 -46.40 2.27
N LYS D 158 -30.53 -45.98 3.35
CA LYS D 158 -31.19 -45.33 4.48
C LYS D 158 -31.21 -43.79 4.37
N TYR D 159 -30.06 -43.18 4.08
CA TYR D 159 -29.96 -41.72 4.03
C TYR D 159 -29.89 -41.15 2.61
N LYS D 160 -29.69 -42.03 1.62
CA LYS D 160 -29.49 -41.62 0.23
C LYS D 160 -28.21 -40.79 0.06
N LEU D 161 -28.30 -39.55 -0.41
CA LEU D 161 -27.10 -38.77 -0.77
C LEU D 161 -26.46 -38.07 0.43
N VAL D 162 -26.05 -38.89 1.40
CA VAL D 162 -25.40 -38.41 2.62
C VAL D 162 -24.04 -39.09 2.72
N GLY D 163 -23.02 -38.30 3.06
CA GLY D 163 -21.65 -38.78 3.04
C GLY D 163 -21.07 -39.13 4.39
N ASN D 164 -20.06 -39.99 4.36
CA ASN D 164 -19.19 -40.28 5.49
C ASN D 164 -17.80 -39.82 5.08
N ILE D 165 -17.30 -38.77 5.72
CA ILE D 165 -16.04 -38.14 5.30
C ILE D 165 -14.87 -39.09 5.54
N LYS D 166 -14.05 -39.30 4.51
CA LYS D 166 -12.87 -40.15 4.61
C LYS D 166 -11.56 -39.35 4.65
N SER D 167 -11.56 -38.13 4.12
CA SER D 167 -10.35 -37.30 4.15
C SER D 167 -10.63 -35.83 3.89
N VAL D 168 -9.66 -35.00 4.26
CA VAL D 168 -9.74 -33.56 4.11
C VAL D 168 -8.55 -33.10 3.29
N THR D 169 -8.82 -32.34 2.23
CA THR D 169 -7.79 -31.76 1.40
C THR D 169 -7.58 -30.34 1.88
N LYS D 170 -6.38 -30.06 2.39
CA LYS D 170 -6.09 -28.80 3.09
C LYS D 170 -5.73 -27.64 2.17
N GLU D 171 -5.27 -27.95 0.96
CA GLU D 171 -4.69 -26.94 0.08
C GLU D 171 -5.59 -25.72 -0.18
N PRO D 172 -6.87 -25.94 -0.50
CA PRO D 172 -7.73 -24.76 -0.75
C PRO D 172 -7.79 -23.82 0.45
N ILE D 173 -7.85 -24.39 1.65
CA ILE D 173 -7.89 -23.63 2.89
C ILE D 173 -6.59 -22.87 3.10
N GLU D 174 -5.46 -23.57 2.92
CA GLU D 174 -4.14 -22.98 3.13
C GLU D 174 -3.85 -21.90 2.08
N ALA D 175 -4.26 -22.16 0.83
CA ALA D 175 -4.11 -21.18 -0.25
C ALA D 175 -4.91 -19.90 -0.01
N SER D 176 -6.11 -20.04 0.55
CA SER D 176 -6.94 -18.88 0.88
C SER D 176 -6.23 -18.01 1.90
N ILE D 177 -5.79 -18.64 2.98
CA ILE D 177 -5.12 -17.94 4.09
C ILE D 177 -3.83 -17.26 3.63
N LYS D 178 -3.01 -17.99 2.88
CA LYS D 178 -1.77 -17.45 2.31
C LYS D 178 -2.04 -16.21 1.44
N ALA D 179 -3.18 -16.18 0.76
CA ALA D 179 -3.58 -15.04 -0.06
C ALA D 179 -4.23 -13.90 0.73
N GLY D 180 -4.43 -14.11 2.04
CA GLY D 180 -5.02 -13.09 2.90
C GLY D 180 -6.53 -13.02 2.83
N ALA D 181 -7.17 -14.16 2.55
CA ALA D 181 -8.63 -14.25 2.54
C ALA D 181 -9.09 -15.29 3.54
N LEU D 182 -10.13 -14.96 4.32
CA LEU D 182 -10.77 -15.93 5.20
C LEU D 182 -11.41 -17.03 4.35
N PRO D 183 -11.11 -18.30 4.67
CA PRO D 183 -11.76 -19.38 3.95
C PRO D 183 -13.15 -19.66 4.55
N ILE D 184 -14.20 -19.55 3.73
CA ILE D 184 -15.57 -19.78 4.16
C ILE D 184 -16.12 -21.05 3.50
N LEU D 185 -16.27 -22.10 4.29
CA LEU D 185 -16.53 -23.46 3.77
C LEU D 185 -17.98 -23.92 4.00
N THR D 186 -18.51 -24.66 3.04
CA THR D 186 -19.70 -25.46 3.24
C THR D 186 -19.24 -26.85 3.71
N SER D 187 -20.19 -27.67 4.16
CA SER D 187 -19.89 -29.02 4.64
C SER D 187 -20.21 -30.12 3.61
N LEU D 188 -20.47 -29.75 2.36
CA LEU D 188 -20.66 -30.74 1.31
C LEU D 188 -19.35 -31.45 0.98
N ALA D 189 -19.45 -32.76 0.75
CA ALA D 189 -18.31 -33.59 0.40
C ALA D 189 -18.57 -34.21 -0.96
N GLU D 190 -17.52 -34.77 -1.55
CA GLU D 190 -17.60 -35.42 -2.86
C GLU D 190 -17.03 -36.83 -2.81
N THR D 191 -17.67 -37.76 -3.51
CA THR D 191 -17.04 -39.04 -3.80
C THR D 191 -15.91 -38.77 -4.79
N ALA D 192 -14.99 -39.72 -4.92
CA ALA D 192 -13.85 -39.56 -5.81
C ALA D 192 -14.30 -39.31 -7.26
N SER D 193 -15.35 -40.00 -7.69
CA SER D 193 -15.92 -39.82 -9.03
C SER D 193 -16.93 -38.66 -9.13
N GLY D 194 -16.98 -37.80 -8.11
CA GLY D 194 -17.70 -36.55 -8.21
C GLY D 194 -19.18 -36.47 -7.87
N GLN D 195 -19.71 -37.44 -7.12
CA GLN D 195 -21.07 -37.27 -6.56
C GLN D 195 -20.99 -36.46 -5.27
N MET D 196 -21.56 -35.27 -5.28
CA MET D 196 -21.65 -34.44 -4.09
C MET D 196 -22.59 -35.09 -3.07
N LEU D 197 -22.16 -35.14 -1.83
CA LEU D 197 -22.89 -35.79 -0.75
C LEU D 197 -23.07 -34.83 0.41
N ASN D 198 -24.26 -34.86 1.00
CA ASN D 198 -24.63 -34.00 2.11
C ASN D 198 -23.99 -34.52 3.39
N VAL D 199 -23.47 -33.61 4.20
CA VAL D 199 -22.84 -33.97 5.47
C VAL D 199 -23.25 -32.93 6.52
N ASN D 200 -23.69 -33.42 7.67
CA ASN D 200 -24.02 -32.57 8.82
C ASN D 200 -22.83 -31.65 9.15
N ALA D 201 -23.08 -30.35 9.32
CA ALA D 201 -21.99 -29.37 9.46
C ALA D 201 -21.18 -29.54 10.74
N ASP D 202 -21.83 -29.99 11.82
CA ASP D 202 -21.12 -30.32 13.04
C ASP D 202 -20.06 -31.40 12.80
N VAL D 203 -20.40 -32.40 11.98
CA VAL D 203 -19.47 -33.48 11.68
C VAL D 203 -18.30 -32.97 10.83
N ALA D 204 -18.60 -32.23 9.76
CA ALA D 204 -17.56 -31.72 8.88
C ALA D 204 -16.56 -30.81 9.60
N ALA D 205 -17.06 -29.93 10.47
CA ALA D 205 -16.22 -29.03 11.25
C ALA D 205 -15.27 -29.81 12.17
N GLY D 206 -15.76 -30.89 12.76
CA GLY D 206 -14.94 -31.74 13.60
C GLY D 206 -13.82 -32.41 12.80
N GLU D 207 -14.11 -32.78 11.55
CA GLU D 207 -13.09 -33.36 10.67
C GLU D 207 -12.01 -32.34 10.28
N LEU D 208 -12.41 -31.08 10.12
CA LEU D 208 -11.44 -30.00 9.89
C LEU D 208 -10.54 -29.83 11.11
N ALA D 209 -11.15 -29.78 12.29
CA ALA D 209 -10.39 -29.65 13.55
C ALA D 209 -9.44 -30.84 13.75
N ARG D 210 -9.87 -32.03 13.33
CA ARG D 210 -9.02 -33.23 13.41
C ARG D 210 -7.71 -33.05 12.64
N VAL D 211 -7.81 -32.61 11.39
CA VAL D 211 -6.62 -32.52 10.55
C VAL D 211 -5.79 -31.23 10.76
N PHE D 212 -6.42 -30.13 11.19
CA PHE D 212 -5.69 -28.86 11.39
C PHE D 212 -5.18 -28.64 12.82
N GLU D 213 -5.76 -29.35 13.80
CA GLU D 213 -5.37 -29.27 15.21
C GLU D 213 -5.21 -27.82 15.68
N PRO D 214 -6.26 -27.00 15.53
CA PRO D 214 -6.13 -25.59 15.86
C PRO D 214 -6.09 -25.34 17.35
N LEU D 215 -5.62 -24.15 17.75
CA LEU D 215 -5.65 -23.74 19.14
C LEU D 215 -7.08 -23.72 19.67
N LYS D 216 -7.99 -23.21 18.84
CA LYS D 216 -9.37 -22.99 19.25
C LYS D 216 -10.34 -23.76 18.35
N ILE D 217 -11.31 -24.43 18.99
CA ILE D 217 -12.35 -25.15 18.28
C ILE D 217 -13.68 -24.66 18.83
N VAL D 218 -14.40 -23.92 18.00
CA VAL D 218 -15.59 -23.20 18.44
C VAL D 218 -16.79 -23.56 17.58
N TYR D 219 -17.90 -23.87 18.24
CA TYR D 219 -19.17 -24.14 17.60
C TYR D 219 -20.13 -23.03 18.01
N LEU D 220 -20.61 -22.28 17.04
CA LEU D 220 -21.57 -21.20 17.29
C LEU D 220 -23.00 -21.69 17.10
N ASN D 221 -23.81 -21.56 18.15
CA ASN D 221 -25.24 -21.76 18.04
C ASN D 221 -26.02 -20.64 18.71
N GLU D 222 -27.32 -20.62 18.51
CA GLU D 222 -28.16 -19.55 19.06
C GLU D 222 -28.44 -19.71 20.54
N LYS D 223 -28.50 -20.94 21.03
CA LYS D 223 -28.71 -21.19 22.45
C LYS D 223 -27.48 -20.85 23.31
N GLY D 224 -26.31 -20.77 22.69
CA GLY D 224 -25.06 -20.48 23.43
C GLY D 224 -24.62 -21.63 24.31
N GLY D 225 -24.75 -22.84 23.79
CA GLY D 225 -24.31 -24.05 24.48
C GLY D 225 -25.32 -25.16 24.36
N ILE D 226 -25.31 -26.06 25.33
CA ILE D 226 -26.26 -27.16 25.42
C ILE D 226 -27.00 -27.06 26.75
N ILE D 227 -28.33 -27.17 26.68
CA ILE D 227 -29.17 -27.09 27.87
C ILE D 227 -29.53 -28.51 28.34
N ASN D 228 -29.42 -28.75 29.64
CA ASN D 228 -29.87 -30.01 30.22
C ASN D 228 -31.39 -30.00 30.29
N GLY D 229 -32.02 -30.91 29.54
CA GLY D 229 -33.48 -31.01 29.45
C GLY D 229 -34.23 -31.33 30.74
N SER D 230 -33.60 -32.10 31.63
CA SER D 230 -34.25 -32.46 32.89
C SER D 230 -34.24 -31.31 33.89
N THR D 231 -33.29 -30.39 33.77
CA THR D 231 -33.21 -29.26 34.71
C THR D 231 -33.52 -27.90 34.11
N GLY D 232 -33.39 -27.77 32.79
CA GLY D 232 -33.58 -26.47 32.13
C GLY D 232 -32.42 -25.51 32.34
N GLU D 233 -31.27 -26.06 32.75
CA GLU D 233 -30.08 -25.26 33.03
C GLU D 233 -29.01 -25.56 31.99
N LYS D 234 -28.31 -24.51 31.55
CA LYS D 234 -27.20 -24.66 30.62
C LYS D 234 -26.08 -25.47 31.24
N ILE D 235 -25.47 -26.35 30.45
CA ILE D 235 -24.33 -27.14 30.89
C ILE D 235 -23.04 -26.33 30.65
N SER D 236 -22.33 -26.03 31.74
CA SER D 236 -21.08 -25.25 31.65
C SER D 236 -19.91 -26.10 31.17
N MET D 237 -19.82 -27.34 31.66
CA MET D 237 -18.70 -28.23 31.35
C MET D 237 -19.15 -29.67 31.20
N ILE D 238 -18.65 -30.32 30.15
CA ILE D 238 -18.80 -31.76 29.97
C ILE D 238 -17.42 -32.41 30.00
N ASN D 239 -17.15 -33.20 31.04
CA ASN D 239 -15.97 -34.04 31.15
C ASN D 239 -16.32 -35.37 30.49
N LEU D 240 -15.85 -35.57 29.26
CA LEU D 240 -16.29 -36.70 28.44
C LEU D 240 -15.97 -38.06 29.04
N ASP D 241 -14.73 -38.24 29.49
CA ASP D 241 -14.29 -39.52 30.05
C ASP D 241 -15.16 -39.98 31.21
N GLU D 242 -15.68 -39.03 32.00
CA GLU D 242 -16.56 -39.35 33.13
C GLU D 242 -18.05 -39.44 32.73
N GLU D 243 -18.50 -38.55 31.85
CA GLU D 243 -19.94 -38.31 31.65
C GLU D 243 -20.53 -38.75 30.32
N TYR D 244 -19.69 -39.08 29.34
CA TYR D 244 -20.16 -39.30 27.97
C TYR D 244 -21.19 -40.42 27.84
N ASP D 245 -20.84 -41.62 28.31
CA ASP D 245 -21.73 -42.77 28.18
C ASP D 245 -23.09 -42.51 28.84
N ASP D 246 -23.08 -41.94 30.04
CA ASP D 246 -24.30 -41.57 30.74
C ASP D 246 -25.13 -40.54 29.99
N LEU D 247 -24.48 -39.44 29.61
CA LEU D 247 -25.14 -38.35 28.91
C LEU D 247 -25.86 -38.84 27.65
N MET D 248 -25.23 -39.76 26.91
CA MET D 248 -25.81 -40.25 25.66
C MET D 248 -27.00 -41.19 25.87
N LYS D 249 -27.16 -41.71 27.09
CA LYS D 249 -28.32 -42.54 27.42
C LYS D 249 -29.52 -41.72 27.90
N GLN D 250 -29.33 -40.42 28.14
CA GLN D 250 -30.42 -39.58 28.68
C GLN D 250 -31.45 -39.29 27.58
N SER D 251 -32.72 -39.47 27.90
CA SER D 251 -33.79 -39.40 26.89
C SER D 251 -34.11 -37.97 26.42
N TRP D 252 -33.64 -36.95 27.13
CA TRP D 252 -33.81 -35.55 26.68
C TRP D 252 -32.80 -35.15 25.62
N VAL D 253 -31.70 -35.91 25.47
CA VAL D 253 -30.67 -35.58 24.48
C VAL D 253 -31.21 -35.91 23.08
N LYS D 254 -31.54 -34.87 22.32
CA LYS D 254 -32.09 -35.07 20.96
C LYS D 254 -31.01 -35.45 19.95
N TYR D 255 -31.45 -35.96 18.80
CA TYR D 255 -30.53 -36.59 17.83
C TYR D 255 -29.45 -35.65 17.33
N GLY D 256 -29.83 -34.41 17.03
CA GLY D 256 -28.87 -33.40 16.57
C GLY D 256 -27.75 -33.19 17.58
N THR D 257 -28.13 -33.05 18.85
CA THR D 257 -27.17 -32.90 19.94
C THR D 257 -26.30 -34.15 20.10
N LYS D 258 -26.91 -35.33 19.98
CA LYS D 258 -26.17 -36.58 20.06
C LYS D 258 -25.10 -36.67 18.98
N LEU D 259 -25.46 -36.27 17.77
CA LEU D 259 -24.56 -36.28 16.62
C LEU D 259 -23.35 -35.39 16.90
N LYS D 260 -23.64 -34.19 17.41
CA LYS D 260 -22.62 -33.21 17.75
C LYS D 260 -21.67 -33.71 18.85
N ILE D 261 -22.22 -34.24 19.93
CA ILE D 261 -21.41 -34.66 21.07
C ILE D 261 -20.56 -35.89 20.70
N ARG D 262 -21.13 -36.81 19.93
CA ARG D 262 -20.36 -37.98 19.46
C ARG D 262 -19.17 -37.55 18.58
N GLU D 263 -19.41 -36.63 17.66
CA GLU D 263 -18.34 -36.14 16.79
C GLU D 263 -17.24 -35.49 17.66
N ILE D 264 -17.65 -34.59 18.54
CA ILE D 264 -16.73 -33.91 19.45
C ILE D 264 -15.96 -34.91 20.31
N LYS D 265 -16.64 -35.94 20.80
CA LYS D 265 -16.00 -36.97 21.61
C LYS D 265 -14.93 -37.73 20.83
N GLU D 266 -15.26 -38.13 19.60
CA GLU D 266 -14.30 -38.81 18.73
C GLU D 266 -13.13 -37.91 18.35
N LEU D 267 -13.41 -36.63 18.11
CA LEU D 267 -12.37 -35.63 17.84
C LEU D 267 -11.40 -35.52 19.02
N LEU D 268 -11.94 -35.32 20.21
CA LEU D 268 -11.12 -35.13 21.42
C LEU D 268 -10.40 -36.39 21.88
N ASP D 269 -10.84 -37.56 21.42
CA ASP D 269 -10.07 -38.81 21.58
C ASP D 269 -8.80 -38.78 20.75
N TYR D 270 -8.84 -38.09 19.61
CA TYR D 270 -7.67 -38.02 18.73
C TYR D 270 -6.74 -36.87 19.11
N LEU D 271 -7.31 -35.71 19.43
CA LEU D 271 -6.50 -34.53 19.77
C LEU D 271 -5.84 -34.69 21.14
N PRO D 272 -4.82 -33.85 21.43
CA PRO D 272 -4.21 -33.93 22.77
C PRO D 272 -5.19 -33.47 23.84
N ARG D 273 -4.90 -33.82 25.09
CA ARG D 273 -5.80 -33.50 26.21
C ARG D 273 -5.90 -31.99 26.50
N SER D 274 -4.95 -31.21 25.99
CA SER D 274 -5.00 -29.75 26.12
C SER D 274 -6.08 -29.12 25.23
N SER D 275 -6.52 -29.82 24.19
CA SER D 275 -7.58 -29.31 23.32
C SER D 275 -8.94 -29.35 24.02
N SER D 276 -9.84 -28.49 23.58
CA SER D 276 -11.22 -28.48 24.08
C SER D 276 -12.15 -27.95 22.98
N VAL D 277 -13.45 -28.14 23.19
CA VAL D 277 -14.45 -27.56 22.28
C VAL D 277 -15.41 -26.64 23.05
N ALA D 278 -15.62 -25.44 22.52
CA ALA D 278 -16.52 -24.47 23.12
C ALA D 278 -17.76 -24.32 22.25
N ILE D 279 -18.93 -24.59 22.80
CA ILE D 279 -20.20 -24.32 22.12
C ILE D 279 -20.78 -23.06 22.74
N ILE D 280 -20.79 -21.98 21.96
CA ILE D 280 -21.13 -20.64 22.47
C ILE D 280 -21.96 -19.85 21.47
N ASN D 281 -22.50 -18.74 21.95
CA ASN D 281 -23.17 -17.75 21.12
C ASN D 281 -22.11 -16.79 20.57
N VAL D 282 -22.41 -16.17 19.45
CA VAL D 282 -21.47 -15.25 18.80
C VAL D 282 -21.01 -14.10 19.69
N GLN D 283 -21.86 -13.64 20.61
CA GLN D 283 -21.48 -12.55 21.53
C GLN D 283 -20.31 -12.93 22.44
N ASP D 284 -20.06 -14.22 22.62
CA ASP D 284 -18.93 -14.68 23.43
C ASP D 284 -17.70 -15.13 22.61
N LEU D 285 -17.72 -14.90 21.31
CA LEU D 285 -16.66 -15.39 20.43
C LEU D 285 -15.28 -14.77 20.73
N GLN D 286 -15.23 -13.45 20.84
N GLN D 286 -15.23 -13.44 20.83
CA GLN D 286 -13.95 -12.76 21.05
CA GLN D 286 -13.95 -12.75 21.07
C GLN D 286 -13.33 -13.17 22.40
C GLN D 286 -13.35 -13.20 22.39
N LYS D 287 -14.16 -13.24 23.43
CA LYS D 287 -13.71 -13.67 24.75
C LYS D 287 -13.19 -15.13 24.73
N GLU D 288 -13.92 -16.01 24.03
CA GLU D 288 -13.50 -17.42 23.88
C GLU D 288 -12.16 -17.58 23.13
N LEU D 289 -11.93 -16.72 22.14
CA LEU D 289 -10.73 -16.84 21.30
C LEU D 289 -9.48 -16.21 21.93
N PHE D 290 -9.65 -15.11 22.65
CA PHE D 290 -8.52 -14.34 23.17
C PHE D 290 -8.14 -14.71 24.60
N THR D 291 -9.04 -15.38 25.33
CA THR D 291 -8.80 -15.78 26.72
C THR D 291 -9.08 -17.28 26.94
N ASP D 292 -8.62 -17.79 28.07
CA ASP D 292 -8.88 -19.18 28.47
C ASP D 292 -10.08 -19.26 29.40
N SER D 293 -10.79 -18.15 29.55
CA SER D 293 -11.98 -18.10 30.38
C SER D 293 -13.16 -18.39 29.49
N GLY D 294 -13.51 -19.67 29.36
CA GLY D 294 -14.57 -20.10 28.47
C GLY D 294 -15.94 -19.57 28.85
N ALA D 295 -16.88 -19.74 27.92
CA ALA D 295 -18.29 -19.40 28.14
C ALA D 295 -19.14 -20.52 27.57
N GLY D 296 -20.45 -20.40 27.67
CA GLY D 296 -21.37 -21.39 27.10
C GLY D 296 -21.13 -22.78 27.66
N THR D 297 -21.04 -23.78 26.77
CA THR D 297 -20.79 -25.16 27.16
C THR D 297 -19.42 -25.57 26.66
N MET D 298 -18.50 -25.84 27.58
CA MET D 298 -17.16 -26.30 27.26
C MET D 298 -17.12 -27.82 27.34
N ILE D 299 -16.52 -28.45 26.34
CA ILE D 299 -16.41 -29.91 26.33
C ILE D 299 -14.94 -30.29 26.21
N ARG D 300 -14.51 -31.21 27.06
CA ARG D 300 -13.18 -31.81 26.90
C ARG D 300 -13.12 -33.24 27.46
N ARG D 301 -11.99 -33.89 27.20
CA ARG D 301 -11.72 -35.24 27.68
C ARG D 301 -11.87 -35.34 29.21
N GLY D 302 -11.09 -34.54 29.92
CA GLY D 302 -11.12 -34.51 31.39
C GLY D 302 -10.78 -35.83 32.05
C1 EDO E . 22.69 24.54 7.73
O1 EDO E . 23.38 24.51 6.46
C2 EDO E . 23.10 23.37 8.64
O2 EDO E . 22.04 23.09 9.59
C1 EDO F . 6.34 -13.29 20.02
O1 EDO F . 6.07 -14.39 19.13
C2 EDO F . 6.69 -12.04 19.20
O2 EDO F . 7.11 -10.98 20.07
C1 EDO G . 8.74 13.47 30.54
O1 EDO G . 8.40 14.74 29.98
C2 EDO G . 9.14 12.48 29.42
O2 EDO G . 8.63 11.17 29.71
C1 EDO H . 33.15 21.73 28.14
O1 EDO H . 34.05 22.80 28.42
C2 EDO H . 33.88 20.48 27.61
O2 EDO H . 32.93 19.60 26.97
C1 EDO I . 25.44 38.67 12.21
O1 EDO I . 24.56 39.10 11.18
C2 EDO I . 26.85 39.24 11.99
O2 EDO I . 27.73 38.22 11.54
C1 EDO J . 14.66 27.41 27.81
O1 EDO J . 14.41 27.86 29.15
C2 EDO J . 15.96 28.06 27.31
O2 EDO J . 16.55 27.25 26.29
CL CL K . 19.60 3.64 32.52
C1 MLI L . 23.65 28.88 23.69
C2 MLI L . 23.35 29.46 25.10
C3 MLI L . 24.43 27.54 23.69
O6 MLI L . 22.51 30.40 25.16
O7 MLI L . 23.95 28.98 26.09
O8 MLI L . 24.96 27.19 22.62
O9 MLI L . 24.47 26.87 24.75
CA NLG M . 27.22 22.08 19.57
C NLG M . 28.57 21.65 18.99
OXT NLG M . 29.15 22.40 18.17
O NLG M . 29.00 20.52 19.35
CB NLG M . 26.08 21.58 18.65
CG NLG M . 26.15 20.05 18.40
CD NLG M . 25.58 19.23 19.56
OE1 NLG M . 25.75 17.99 19.48
OE2 NLG M . 25.01 19.82 20.50
C7 NLG M . 27.72 24.24 20.69
C8 NLG M . 27.59 25.64 20.67
O7 NLG M . 28.35 23.74 21.61
N2 NLG M . 27.15 23.54 19.69
C1 EDO N . 10.68 6.70 -34.80
O1 EDO N . 10.82 7.28 -33.50
C2 EDO N . 11.48 7.52 -35.82
O2 EDO N . 11.05 8.89 -35.81
C1 EDO O . 16.12 30.78 3.96
O1 EDO O . 15.50 31.73 3.08
C2 EDO O . 16.27 31.42 5.35
O2 EDO O . 16.58 30.43 6.34
C1 EDO P . -3.31 13.58 -12.27
O1 EDO P . -4.74 13.61 -12.29
C2 EDO P . -2.78 14.97 -12.00
O2 EDO P . -2.07 15.03 -10.76
C1 EDO Q . 27.58 21.65 3.63
O1 EDO Q . 28.76 22.43 3.74
C2 EDO Q . 27.16 21.56 2.16
O2 EDO Q . 26.72 22.84 1.71
C1 EDO R . 16.10 5.03 0.77
O1 EDO R . 17.43 4.72 1.20
C2 EDO R . 15.96 6.54 0.71
O2 EDO R . 14.59 6.90 0.79
C1 EDO S . 8.39 0.28 -25.16
O1 EDO S . 9.03 0.10 -26.42
C2 EDO S . 6.87 0.23 -25.34
O2 EDO S . 6.24 -0.16 -24.12
C1 EDO T . 22.16 15.38 -21.24
O1 EDO T . 22.73 16.62 -20.78
C2 EDO T . 20.68 15.34 -20.88
O2 EDO T . 20.33 14.01 -20.48
C1 EDO U . 23.37 13.48 -13.16
O1 EDO U . 21.96 13.74 -13.12
C2 EDO U . 23.86 13.24 -11.74
O2 EDO U . 24.28 14.50 -11.19
C1 EDO V . 10.29 38.32 -17.65
O1 EDO V . 9.64 39.59 -17.50
C2 EDO V . 10.69 37.80 -16.27
O2 EDO V . 11.18 36.46 -16.39
C1 EDO W . 24.01 47.03 6.19
O1 EDO W . 23.87 47.27 7.59
C2 EDO W . 25.06 45.95 5.96
O2 EDO W . 25.37 45.84 4.58
C1 EDO X . 17.49 10.31 -6.62
O1 EDO X . 18.27 9.34 -5.95
C2 EDO X . 18.40 11.25 -7.42
O2 EDO X . 17.87 11.43 -8.75
C1 EDO Y . 2.32 31.23 -24.56
O1 EDO Y . 2.26 31.82 -23.26
C2 EDO Y . 3.77 31.13 -25.03
O2 EDO Y . 3.86 30.91 -26.45
C1 EDO Z . 7.47 27.91 -30.08
O1 EDO Z . 6.73 26.71 -30.34
C2 EDO Z . 8.96 27.58 -30.09
O2 EDO Z . 9.67 28.54 -29.30
C1 EDO AA . 13.00 36.96 -12.69
O1 EDO AA . 13.45 35.97 -13.63
C2 EDO AA . 11.81 36.44 -11.87
O2 EDO AA . 11.14 37.53 -11.21
C1 EDO BA . -2.93 26.60 -4.36
O1 EDO BA . -3.55 27.86 -4.01
C2 EDO BA . -4.03 25.54 -4.58
O2 EDO BA . -3.50 24.44 -5.29
C1 EDO CA . 33.88 34.45 3.06
O1 EDO CA . 33.60 34.46 4.46
C2 EDO CA . 33.47 33.10 2.46
O2 EDO CA . 34.31 32.74 1.36
CL CL DA . 7.37 35.56 -13.46
C1 MLI EA . 25.11 35.84 -8.66
C2 MLI EA . 23.86 36.74 -8.79
C3 MLI EA . 26.05 35.94 -9.89
O6 MLI EA . 23.78 37.51 -9.76
O7 MLI EA . 23.00 36.65 -7.89
O8 MLI EA . 25.79 36.80 -10.75
O9 MLI EA . 27.01 35.14 -9.95
CA NLG FA . 17.01 37.76 -6.01
C NLG FA . 16.28 38.91 -5.32
OXT NLG FA . 15.24 39.35 -5.88
O NLG FA . 16.75 39.29 -4.23
CB NLG FA . 16.41 36.41 -5.48
CG NLG FA . 14.90 36.28 -5.78
CD NLG FA . 14.57 35.91 -7.23
OE1 NLG FA . 13.36 35.88 -7.52
OE2 NLG FA . 15.51 35.66 -8.03
C7 NLG FA . 19.28 38.73 -6.19
C8 NLG FA . 20.62 38.68 -5.81
O7 NLG FA . 18.92 39.63 -6.98
N2 NLG FA . 18.45 37.82 -5.68
N ARG GA . -9.92 -4.18 -31.02
CA ARG GA . -11.22 -4.33 -31.73
C ARG GA . -12.12 -5.29 -30.99
O ARG GA . -13.31 -5.36 -31.24
CB ARG GA . -11.00 -4.84 -33.16
CG ARG GA . -10.24 -6.16 -33.25
CD ARG GA . -10.14 -6.68 -34.68
NE ARG GA . -9.52 -8.00 -34.73
CZ ARG GA . -9.21 -8.65 -35.86
NH1 ARG GA . -9.45 -8.11 -37.05
NH2 ARG GA . -8.64 -9.85 -35.79
OXT ARG GA . -11.65 -6.02 -30.11
C1 EDO HA . -13.46 -43.50 -30.17
O1 EDO HA . -12.43 -42.54 -30.05
C2 EDO HA . -13.33 -44.54 -29.05
O2 EDO HA . -14.62 -45.05 -28.70
C1 EDO IA . -9.81 -24.62 -5.24
O1 EDO IA . -9.36 -24.47 -6.62
C2 EDO IA . -9.50 -23.32 -4.45
O2 EDO IA . -10.50 -23.03 -3.45
C1 EDO JA . -5.33 -24.34 -26.89
O1 EDO JA . -6.62 -24.88 -26.65
C2 EDO JA . -4.76 -23.76 -25.60
O2 EDO JA . -3.39 -24.16 -25.45
C1 EDO KA . 5.64 -18.55 -18.85
O1 EDO KA . 5.07 -19.06 -17.63
C2 EDO KA . 4.86 -17.31 -19.26
O2 EDO KA . 4.55 -17.34 -20.65
C1 EDO LA . -13.59 3.64 -12.20
O1 EDO LA . -14.00 3.43 -10.84
C2 EDO LA . -12.18 4.24 -12.20
O2 EDO LA . -12.22 5.60 -12.64
C1 EDO MA . -9.92 -44.59 -20.45
O1 EDO MA . -11.11 -44.69 -19.66
C2 EDO MA . -9.82 -43.17 -21.04
O2 EDO MA . -9.75 -42.20 -19.99
C1 EDO NA . -13.74 -30.72 -9.06
O1 EDO NA . -13.13 -29.71 -9.90
C2 EDO NA . -13.49 -30.41 -7.59
O2 EDO NA . -14.70 -30.41 -6.85
C1 EDO OA . 0.84 -6.40 -12.85
O1 EDO OA . 0.34 -5.29 -13.60
C2 EDO OA . 0.97 -5.98 -11.38
O2 EDO OA . 1.68 -4.73 -11.30
C1 GOL PA . -32.81 -34.82 -10.15
O1 GOL PA . -33.20 -36.09 -10.66
C2 GOL PA . -31.83 -34.04 -11.07
O2 GOL PA . -30.46 -34.40 -10.80
C3 GOL PA . -32.13 -34.24 -12.57
O3 GOL PA . -31.89 -33.01 -13.28
CL CL QA . -2.99 -33.54 -24.84
CA NLG RA . -12.48 -31.59 -21.23
C NLG RA . -11.48 -32.75 -20.96
OXT NLG RA . -11.82 -33.66 -20.18
O NLG RA . -10.39 -32.70 -21.58
CB NLG RA . -12.39 -30.47 -20.19
CG NLG RA . -11.03 -29.78 -20.16
CD NLG RA . -10.77 -28.83 -21.34
OE1 NLG RA . -9.59 -28.45 -21.45
OE2 NLG RA . -11.72 -28.53 -22.11
C7 NLG RA . -14.38 -32.80 -22.19
C8 NLG RA . -15.71 -33.24 -22.06
O7 NLG RA . -13.76 -33.11 -23.22
N2 NLG RA . -13.85 -32.10 -21.20
C1 EDO SA . -5.47 -6.30 7.31
O1 EDO SA . -6.73 -5.62 7.26
C2 EDO SA . -4.53 -5.73 6.22
O2 EDO SA . -4.28 -4.35 6.46
C1 EDO TA . -13.01 -4.30 13.34
O1 EDO TA . -13.16 -4.81 12.01
C2 EDO TA . -11.81 -3.37 13.42
O2 EDO TA . -12.25 -2.03 13.67
C1 EDO UA . -24.38 -17.47 27.29
O1 EDO UA . -23.52 -18.60 27.17
C2 EDO UA . -24.57 -16.81 25.91
O2 EDO UA . -25.69 -17.39 25.23
C1 EDO VA . -3.88 -32.30 1.39
O1 EDO VA . -4.46 -32.26 2.70
C2 EDO VA . -3.28 -30.93 1.07
O2 EDO VA . -3.87 -30.42 -0.13
C1 EDO WA . -9.60 -11.02 30.41
O1 EDO WA . -9.02 -12.18 31.01
C2 EDO WA . -8.68 -10.53 29.28
O2 EDO WA . -9.26 -9.40 28.61
C1 EDO XA . -44.49 -33.55 -2.59
O1 EDO XA . -44.61 -34.84 -3.19
C2 EDO XA . -45.19 -33.56 -1.24
O2 EDO XA . -46.01 -32.39 -1.11
C1 EDO YA . -36.63 -34.25 2.54
O1 EDO YA . -37.64 -33.44 1.94
C2 EDO YA . -35.61 -33.35 3.23
O2 EDO YA . -35.19 -33.96 4.43
C1 EDO ZA . -20.42 -39.25 14.34
O1 EDO ZA . -21.43 -38.30 14.72
C2 EDO ZA . -19.72 -38.79 13.05
O2 EDO ZA . -18.48 -39.48 12.88
C1 EDO AB . -23.47 -27.28 34.65
O1 EDO AB . -23.67 -25.88 34.84
C2 EDO AB . -22.00 -27.64 34.93
O2 EDO AB . -21.53 -28.56 33.94
C1 EDO BB . -26.62 -28.51 34.33
O1 EDO BB . -27.90 -28.79 34.91
C2 EDO BB . -25.66 -29.71 34.58
O2 EDO BB . -26.07 -30.83 33.80
C1 EDO CB . -18.05 -20.81 31.50
O1 EDO CB . -19.29 -20.11 31.40
C2 EDO CB . -17.90 -21.77 30.32
O2 EDO CB . -18.50 -23.03 30.61
C1 EDO DB . -23.02 -6.32 -1.38
O1 EDO DB . -21.85 -5.51 -1.48
C2 EDO DB . -23.28 -6.97 -2.73
O2 EDO DB . -24.52 -7.67 -2.73
C1 EDO EB . -26.96 -26.62 13.87
O1 EDO EB . -26.35 -27.83 14.36
C2 EDO EB . -27.86 -26.92 12.68
O2 EDO EB . -29.13 -26.27 12.82
C1 EDO FB . -3.06 -20.03 9.77
O1 EDO FB . -4.08 -19.33 10.49
C2 EDO FB . -1.74 -19.23 9.81
O2 EDO FB . -1.98 -17.87 9.44
C1 EDO GB . -10.08 -1.71 8.53
O1 EDO GB . -10.78 -1.16 9.65
C2 EDO GB . -9.53 -0.59 7.64
O2 EDO GB . -8.93 -1.16 6.48
CL CL HB . -27.81 -22.14 15.53
CL CL IB . -22.38 -26.66 -5.53
C1 MLI JB . -22.22 -37.75 8.59
C2 MLI JB . -23.56 -37.02 8.83
C3 MLI JB . -21.88 -38.82 9.65
O6 MLI JB . -23.87 -36.15 7.99
O7 MLI JB . -24.25 -37.35 9.83
O8 MLI JB . -20.77 -39.37 9.54
O9 MLI JB . -22.71 -39.06 10.56
CA NLG KB . -27.30 -31.11 7.04
C NLG KB . -28.72 -30.80 6.50
OXT NLG KB . -29.01 -31.24 5.36
O NLG KB . -29.46 -30.11 7.25
CB NLG KB . -26.30 -30.04 6.52
CG NLG KB . -26.64 -28.60 6.94
CD NLG KB . -26.34 -28.29 8.42
OE1 NLG KB . -25.71 -29.13 9.09
OE2 NLG KB . -26.76 -27.19 8.83
C7 NLG KB . -27.39 -33.59 7.05
C8 NLG KB . -26.92 -34.79 6.52
O7 NLG KB . -28.25 -33.65 7.92
N2 NLG KB . -26.88 -32.44 6.58
#